data_8WGQ
#
_entry.id   8WGQ
#
_cell.length_a   133.223
_cell.length_b   133.223
_cell.length_c   166.786
_cell.angle_alpha   90.000
_cell.angle_beta   90.000
_cell.angle_gamma   120.000
#
_symmetry.space_group_name_H-M   'P 31 2 1'
#
loop_
_entity.id
_entity.type
_entity.pdbx_description
1 polymer L-asparaginase
2 non-polymer GLYCEROL
3 non-polymer 1,2-ETHANEDIOL
4 water water
#
_entity_poly.entity_id   1
_entity_poly.type   'polypeptide(L)'
_entity_poly.pdbx_seq_one_letter_code
;GGADKLPNIVILATGGTIAGSAATGTQTTGYKAGALGVDTLINAVPEVKKLANVKGEQFSNMASENMTGDVVLKLSQRVN
ELLARDDVDGVVITHGTDTVEESAYFLHLTVKSDKPVVFVAAMRPATAISADGPMNLLEAVRVAGDKQSRGRGVMVVIND
RIGSARYITKTNASTLDTFRANEEGYLGVIIGNRIYYQNRIDKLHTTRSVFDVRGLTSLPKVDILYGYQDDPEYLYDAAI
QHGVKGIVYAGMGAGSVSVRGIAGMRKALEKGVVVMRSTRTGNGIVPPDEELPGLVSDSLNPAHARILLMLALTRTSDPK
VIQEYFHTY
;
_entity_poly.pdbx_strand_id   A,B,C,D
#
# COMPACT_ATOMS: atom_id res chain seq x y z
N LYS A 5 -39.41 9.39 7.51
CA LYS A 5 -39.29 7.97 7.96
C LYS A 5 -37.85 7.51 7.83
N LEU A 6 -37.25 7.02 8.92
CA LEU A 6 -35.95 6.36 8.85
C LEU A 6 -36.09 5.00 8.16
N PRO A 7 -35.00 4.50 7.53
CA PRO A 7 -35.00 3.16 6.95
C PRO A 7 -35.10 2.07 8.02
N ASN A 8 -35.72 0.94 7.65
CA ASN A 8 -35.83 -0.18 8.57
C ASN A 8 -34.72 -1.18 8.25
N ILE A 9 -33.92 -1.49 9.26
CA ILE A 9 -32.73 -2.30 9.10
C ILE A 9 -32.78 -3.44 10.10
N VAL A 10 -32.80 -4.68 9.61
CA VAL A 10 -32.63 -5.82 10.50
C VAL A 10 -31.14 -6.09 10.67
N ILE A 11 -30.75 -6.33 11.94
CA ILE A 11 -29.38 -6.63 12.32
C ILE A 11 -29.30 -8.09 12.72
N LEU A 12 -28.64 -8.89 11.86
CA LEU A 12 -28.38 -10.30 12.15
C LEU A 12 -27.03 -10.41 12.84
N ALA A 13 -27.01 -11.09 13.99
CA ALA A 13 -25.77 -11.39 14.68
C ALA A 13 -25.46 -12.87 14.46
N THR A 14 -24.21 -13.15 14.05
CA THR A 14 -23.75 -14.50 13.81
C THR A 14 -22.88 -14.98 14.96
N GLY A 15 -22.45 -14.04 15.81
CA GLY A 15 -21.62 -14.36 16.97
C GLY A 15 -21.94 -13.44 18.14
N GLY A 16 -21.00 -13.37 19.10
CA GLY A 16 -21.06 -12.42 20.20
C GLY A 16 -21.15 -10.98 19.71
N THR A 17 -21.52 -10.07 20.60
CA THR A 17 -21.62 -8.66 20.28
C THR A 17 -20.22 -8.10 19.99
N ILE A 18 -20.18 -6.95 19.31
CA ILE A 18 -18.93 -6.28 18.99
C ILE A 18 -18.91 -4.89 19.64
N ALA A 19 -19.97 -4.55 20.39
CA ALA A 19 -20.04 -3.29 21.11
C ALA A 19 -20.74 -3.49 22.47
N GLY A 20 -20.16 -2.91 23.53
CA GLY A 20 -20.72 -2.96 24.87
C GLY A 20 -20.60 -4.34 25.53
N SER A 21 -21.27 -4.51 26.67
CA SER A 21 -21.35 -5.81 27.34
C SER A 21 -22.56 -5.87 28.27
N ALA A 22 -22.98 -7.10 28.59
CA ALA A 22 -24.14 -7.36 29.43
C ALA A 22 -23.68 -7.63 30.87
N LEU A 36 -30.02 -11.65 24.48
CA LEU A 36 -29.31 -11.87 23.19
C LEU A 36 -28.21 -10.81 23.06
N GLY A 37 -27.09 -11.20 22.43
CA GLY A 37 -25.95 -10.31 22.23
C GLY A 37 -26.30 -9.10 21.36
N VAL A 38 -27.26 -9.30 20.45
CA VAL A 38 -27.65 -8.29 19.48
C VAL A 38 -28.38 -7.13 20.17
N ASP A 39 -29.07 -7.39 21.29
CA ASP A 39 -29.73 -6.34 22.04
C ASP A 39 -28.69 -5.53 22.81
N THR A 40 -27.72 -6.24 23.44
CA THR A 40 -26.57 -5.61 24.07
C THR A 40 -25.87 -4.68 23.09
N LEU A 41 -25.74 -5.16 21.85
CA LEU A 41 -25.13 -4.43 20.75
C LEU A 41 -25.91 -3.13 20.51
N ILE A 42 -27.21 -3.28 20.20
CA ILE A 42 -28.06 -2.16 19.80
C ILE A 42 -28.07 -1.09 20.87
N ASN A 43 -28.27 -1.52 22.13
CA ASN A 43 -28.30 -0.62 23.28
C ASN A 43 -26.96 0.11 23.42
N ALA A 44 -25.84 -0.61 23.28
CA ALA A 44 -24.52 -0.06 23.55
C ALA A 44 -24.13 1.02 22.54
N VAL A 45 -24.75 1.01 21.35
CA VAL A 45 -24.55 2.07 20.38
C VAL A 45 -25.91 2.65 20.00
N PRO A 46 -26.49 3.54 20.84
CA PRO A 46 -27.86 4.02 20.65
C PRO A 46 -28.01 5.13 19.61
N GLU A 47 -26.87 5.59 19.04
CA GLU A 47 -26.88 6.56 17.95
C GLU A 47 -27.46 5.97 16.66
N VAL A 48 -27.49 4.62 16.54
CA VAL A 48 -27.95 3.96 15.34
C VAL A 48 -29.45 4.22 15.15
N LYS A 49 -30.14 4.55 16.26
CA LYS A 49 -31.58 4.77 16.24
C LYS A 49 -31.91 6.07 15.52
N LYS A 50 -30.95 7.00 15.45
CA LYS A 50 -31.15 8.23 14.69
C LYS A 50 -30.96 7.98 13.19
N LEU A 51 -30.34 6.84 12.84
CA LEU A 51 -30.01 6.57 11.46
C LEU A 51 -31.07 5.67 10.82
N ALA A 52 -31.58 4.74 11.60
CA ALA A 52 -32.52 3.73 11.10
C ALA A 52 -33.34 3.15 12.25
N ASN A 53 -34.48 2.55 11.89
CA ASN A 53 -35.25 1.72 12.82
C ASN A 53 -34.70 0.30 12.71
N VAL A 54 -34.14 -0.20 13.80
CA VAL A 54 -33.45 -1.47 13.76
C VAL A 54 -34.23 -2.49 14.58
N LYS A 55 -34.37 -3.72 14.06
CA LYS A 55 -34.68 -4.88 14.89
C LYS A 55 -33.44 -5.78 14.92
N GLY A 56 -33.16 -6.34 16.09
CA GLY A 56 -32.12 -7.35 16.25
C GLY A 56 -32.66 -8.75 16.02
N GLU A 57 -31.75 -9.71 15.89
CA GLU A 57 -32.09 -11.10 15.61
C GLU A 57 -30.80 -11.89 15.75
N GLN A 58 -30.78 -12.88 16.66
CA GLN A 58 -29.59 -13.66 16.92
C GLN A 58 -29.65 -14.92 16.05
N PHE A 59 -29.22 -14.79 14.79
CA PHE A 59 -29.17 -15.88 13.83
C PHE A 59 -28.39 -17.06 14.41
N SER A 60 -27.15 -16.80 14.82
CA SER A 60 -26.26 -17.81 15.38
C SER A 60 -25.39 -17.20 16.46
N ASN A 61 -24.51 -18.01 17.04
CA ASN A 61 -23.54 -17.54 18.02
C ASN A 61 -22.30 -18.45 17.99
N MET A 62 -21.33 -18.06 17.15
CA MET A 62 -20.06 -18.75 17.03
C MET A 62 -19.01 -17.72 16.60
N ALA A 63 -17.74 -18.06 16.80
CA ALA A 63 -16.64 -17.30 16.22
C ALA A 63 -16.56 -17.62 14.74
N SER A 64 -16.16 -16.64 13.92
CA SER A 64 -16.18 -16.79 12.47
C SER A 64 -15.39 -18.02 12.00
N GLU A 65 -14.36 -18.38 12.76
CA GLU A 65 -13.50 -19.53 12.49
C GLU A 65 -14.32 -20.80 12.28
N ASN A 66 -15.38 -20.95 13.09
CA ASN A 66 -16.22 -22.14 13.11
C ASN A 66 -17.45 -21.97 12.21
N MET A 67 -17.51 -20.87 11.45
CA MET A 67 -18.62 -20.65 10.53
C MET A 67 -18.44 -21.67 9.39
N THR A 68 -19.55 -22.35 9.05
CA THR A 68 -19.51 -23.45 8.09
C THR A 68 -20.40 -23.12 6.90
N GLY A 69 -20.16 -23.81 5.79
CA GLY A 69 -20.92 -23.62 4.56
C GLY A 69 -22.41 -23.80 4.79
N ASP A 70 -22.76 -24.86 5.53
CA ASP A 70 -24.15 -25.18 5.80
C ASP A 70 -24.82 -23.99 6.48
N VAL A 71 -24.13 -23.41 7.48
CA VAL A 71 -24.69 -22.31 8.24
C VAL A 71 -24.80 -21.06 7.35
N VAL A 72 -23.79 -20.83 6.50
CA VAL A 72 -23.79 -19.67 5.63
C VAL A 72 -24.93 -19.76 4.61
N LEU A 73 -25.18 -20.97 4.10
CA LEU A 73 -26.32 -21.21 3.24
C LEU A 73 -27.60 -20.72 3.93
N LYS A 74 -27.79 -21.08 5.20
CA LYS A 74 -28.98 -20.67 5.95
C LYS A 74 -29.01 -19.16 6.11
N LEU A 75 -27.84 -18.55 6.34
CA LEU A 75 -27.73 -17.12 6.54
C LEU A 75 -28.22 -16.40 5.27
N SER A 76 -27.73 -16.86 4.12
CA SER A 76 -28.20 -16.40 2.82
C SER A 76 -29.73 -16.53 2.70
N GLN A 77 -30.27 -17.69 3.10
CA GLN A 77 -31.68 -17.98 2.91
C GLN A 77 -32.50 -17.03 3.78
N ARG A 78 -32.04 -16.79 5.01
CA ARG A 78 -32.69 -15.88 5.94
C ARG A 78 -32.70 -14.45 5.39
N VAL A 79 -31.53 -13.98 4.94
CA VAL A 79 -31.36 -12.64 4.40
C VAL A 79 -32.27 -12.45 3.18
N ASN A 80 -32.43 -13.50 2.36
CA ASN A 80 -33.39 -13.43 1.26
C ASN A 80 -34.82 -13.32 1.81
N GLU A 81 -35.16 -14.09 2.86
CA GLU A 81 -36.46 -13.96 3.49
C GLU A 81 -36.66 -12.50 3.91
N LEU A 82 -35.68 -11.95 4.63
CA LEU A 82 -35.81 -10.60 5.17
C LEU A 82 -35.98 -9.57 4.04
N LEU A 83 -35.22 -9.72 2.94
CA LEU A 83 -35.16 -8.68 1.91
C LEU A 83 -36.32 -8.83 0.91
N ALA A 84 -36.96 -10.00 0.90
CA ALA A 84 -38.20 -10.20 0.17
C ALA A 84 -39.31 -9.31 0.75
N ARG A 85 -39.29 -9.12 2.08
CA ARG A 85 -40.25 -8.26 2.76
C ARG A 85 -40.03 -6.81 2.34
N ASP A 86 -41.13 -6.11 2.05
CA ASP A 86 -41.06 -4.71 1.62
C ASP A 86 -40.81 -3.79 2.82
N ASP A 87 -41.03 -4.27 4.05
CA ASP A 87 -40.84 -3.47 5.26
C ASP A 87 -39.41 -3.55 5.78
N VAL A 88 -38.48 -4.10 4.97
CA VAL A 88 -37.06 -4.15 5.30
C VAL A 88 -36.29 -3.48 4.18
N ASP A 89 -35.51 -2.44 4.54
CA ASP A 89 -34.80 -1.62 3.57
C ASP A 89 -33.38 -2.13 3.36
N GLY A 90 -32.85 -2.84 4.37
CA GLY A 90 -31.50 -3.38 4.32
C GLY A 90 -31.23 -4.31 5.50
N VAL A 91 -30.05 -4.95 5.49
CA VAL A 91 -29.65 -5.82 6.59
C VAL A 91 -28.19 -5.52 6.92
N VAL A 92 -27.89 -5.55 8.22
CA VAL A 92 -26.53 -5.49 8.71
C VAL A 92 -26.28 -6.81 9.43
N ILE A 93 -25.10 -7.42 9.17
CA ILE A 93 -24.79 -8.73 9.70
C ILE A 93 -23.47 -8.65 10.48
N THR A 94 -23.56 -8.83 11.79
CA THR A 94 -22.37 -8.85 12.63
C THR A 94 -21.75 -10.23 12.50
N HIS A 95 -20.43 -10.23 12.25
CA HIS A 95 -19.70 -11.43 11.90
C HIS A 95 -18.25 -11.22 12.34
N GLY A 96 -17.56 -12.33 12.64
CA GLY A 96 -16.15 -12.25 12.98
C GLY A 96 -15.29 -11.94 11.75
N THR A 97 -14.10 -11.38 12.01
CA THR A 97 -13.24 -10.86 10.95
C THR A 97 -12.61 -12.00 10.15
N ASP A 98 -12.26 -13.08 10.84
CA ASP A 98 -11.50 -14.17 10.25
C ASP A 98 -12.11 -14.63 8.93
N THR A 99 -13.44 -14.91 8.88
CA THR A 99 -14.01 -15.46 7.66
C THR A 99 -15.23 -14.67 7.18
N VAL A 100 -15.30 -13.36 7.50
CA VAL A 100 -16.37 -12.54 6.95
C VAL A 100 -16.26 -12.46 5.43
N GLU A 101 -15.05 -12.51 4.87
CA GLU A 101 -14.87 -12.34 3.43
C GLU A 101 -15.51 -13.51 2.68
N GLU A 102 -15.54 -14.67 3.36
CA GLU A 102 -16.14 -15.89 2.83
C GLU A 102 -17.66 -15.78 2.91
N SER A 103 -18.20 -15.63 4.13
CA SER A 103 -19.63 -15.46 4.33
C SER A 103 -20.17 -14.39 3.37
N ALA A 104 -19.49 -13.24 3.36
CA ALA A 104 -19.95 -12.07 2.63
C ALA A 104 -19.99 -12.36 1.14
N TYR A 105 -18.95 -13.02 0.62
CA TYR A 105 -18.89 -13.32 -0.80
C TYR A 105 -20.00 -14.31 -1.15
N PHE A 106 -20.30 -15.25 -0.25
CA PHE A 106 -21.38 -16.19 -0.48
C PHE A 106 -22.70 -15.44 -0.70
N LEU A 107 -23.05 -14.56 0.25
CA LEU A 107 -24.28 -13.77 0.13
C LEU A 107 -24.18 -12.82 -1.07
N HIS A 108 -22.96 -12.33 -1.35
CA HIS A 108 -22.74 -11.48 -2.51
C HIS A 108 -23.35 -12.13 -3.77
N LEU A 109 -23.27 -13.47 -3.82
CA LEU A 109 -23.60 -14.22 -5.01
C LEU A 109 -25.03 -14.76 -4.98
N THR A 110 -25.61 -14.87 -3.76
CA THR A 110 -26.84 -15.63 -3.56
C THR A 110 -28.03 -14.80 -3.08
N VAL A 111 -27.82 -13.53 -2.71
CA VAL A 111 -28.89 -12.66 -2.23
C VAL A 111 -29.55 -11.98 -3.43
N LYS A 112 -30.84 -12.29 -3.67
CA LYS A 112 -31.54 -11.89 -4.88
C LYS A 112 -32.21 -10.53 -4.71
N SER A 113 -31.52 -9.60 -4.04
CA SER A 113 -32.04 -8.27 -3.79
C SER A 113 -30.99 -7.23 -4.17
N ASP A 114 -31.47 -6.03 -4.52
CA ASP A 114 -30.63 -4.87 -4.68
C ASP A 114 -30.47 -4.16 -3.33
N LYS A 115 -31.19 -4.63 -2.31
CA LYS A 115 -31.16 -3.95 -1.02
C LYS A 115 -29.80 -4.17 -0.36
N PRO A 116 -29.28 -3.17 0.39
CA PRO A 116 -28.00 -3.30 1.07
C PRO A 116 -27.92 -4.50 2.01
N VAL A 117 -26.81 -5.23 1.88
CA VAL A 117 -26.41 -6.25 2.83
C VAL A 117 -25.00 -5.88 3.29
N VAL A 118 -24.87 -5.52 4.57
CA VAL A 118 -23.62 -4.95 5.05
C VAL A 118 -23.10 -5.84 6.17
N PHE A 119 -22.06 -6.62 5.85
CA PHE A 119 -21.32 -7.31 6.89
C PHE A 119 -20.53 -6.26 7.68
N VAL A 120 -20.47 -6.48 9.00
CA VAL A 120 -19.71 -5.63 9.90
C VAL A 120 -19.03 -6.52 10.93
N ALA A 121 -17.90 -6.03 11.46
CA ALA A 121 -17.03 -6.80 12.31
C ALA A 121 -16.11 -5.84 13.07
N ALA A 122 -15.35 -6.39 14.03
CA ALA A 122 -14.52 -5.57 14.91
C ALA A 122 -13.23 -6.34 15.19
N MET A 123 -12.09 -5.65 15.11
CA MET A 123 -10.81 -6.32 15.28
C MET A 123 -10.39 -6.32 16.76
N ARG A 124 -11.12 -5.59 17.61
CA ARG A 124 -10.89 -5.58 19.05
C ARG A 124 -12.15 -6.09 19.73
N PRO A 125 -12.03 -6.81 20.86
CA PRO A 125 -13.21 -7.26 21.60
C PRO A 125 -14.02 -6.04 22.03
N ALA A 126 -15.30 -6.27 22.32
CA ALA A 126 -16.22 -5.19 22.65
C ALA A 126 -15.74 -4.43 23.89
N THR A 127 -15.08 -5.14 24.82
CA THR A 127 -14.71 -4.58 26.11
C THR A 127 -13.27 -4.07 26.11
N ALA A 128 -12.67 -3.96 24.92
CA ALA A 128 -11.31 -3.46 24.84
C ALA A 128 -11.33 -1.93 24.87
N ILE A 129 -10.17 -1.36 25.24
CA ILE A 129 -9.93 0.07 25.13
C ILE A 129 -9.81 0.42 23.65
N SER A 130 -10.58 1.46 23.24
CA SER A 130 -10.65 1.94 21.88
C SER A 130 -11.24 0.88 20.93
N ALA A 131 -12.24 0.14 21.43
CA ALA A 131 -12.88 -0.87 20.60
C ALA A 131 -13.43 -0.20 19.35
N ASP A 132 -13.20 -0.85 18.20
CA ASP A 132 -13.61 -0.32 16.91
C ASP A 132 -15.08 -0.67 16.65
N GLY A 133 -15.61 -1.66 17.38
CA GLY A 133 -16.92 -2.24 17.06
C GLY A 133 -18.05 -1.22 17.03
N PRO A 134 -18.14 -0.33 18.04
CA PRO A 134 -19.20 0.69 18.09
C PRO A 134 -19.31 1.57 16.84
N MET A 135 -18.17 2.05 16.35
CA MET A 135 -18.17 2.99 15.25
C MET A 135 -18.34 2.23 13.94
N ASN A 136 -17.74 1.03 13.87
CA ASN A 136 -17.93 0.17 12.71
C ASN A 136 -19.42 -0.04 12.51
N LEU A 137 -20.12 -0.39 13.60
CA LEU A 137 -21.55 -0.71 13.53
C LEU A 137 -22.33 0.50 13.03
N LEU A 138 -22.01 1.67 13.60
CA LEU A 138 -22.74 2.88 13.24
C LEU A 138 -22.60 3.14 11.74
N GLU A 139 -21.37 3.02 11.24
CA GLU A 139 -21.10 3.20 9.82
C GLU A 139 -21.88 2.17 9.00
N ALA A 140 -21.86 0.91 9.45
CA ALA A 140 -22.53 -0.18 8.78
C ALA A 140 -24.02 0.10 8.58
N VAL A 141 -24.67 0.63 9.63
CA VAL A 141 -26.08 0.93 9.57
C VAL A 141 -26.31 2.14 8.65
N ARG A 142 -25.43 3.14 8.72
CA ARG A 142 -25.59 4.28 7.85
C ARG A 142 -25.56 3.81 6.39
N VAL A 143 -24.61 2.91 6.07
CA VAL A 143 -24.47 2.43 4.71
C VAL A 143 -25.71 1.64 4.32
N ALA A 144 -26.13 0.71 5.20
CA ALA A 144 -27.30 -0.12 5.01
C ALA A 144 -28.56 0.73 4.83
N GLY A 145 -28.62 1.86 5.54
CA GLY A 145 -29.80 2.71 5.54
C GLY A 145 -29.85 3.69 4.37
N ASP A 146 -28.71 3.96 3.71
CA ASP A 146 -28.64 4.92 2.62
C ASP A 146 -29.21 4.33 1.32
N LYS A 147 -29.83 5.19 0.50
CA LYS A 147 -30.50 4.75 -0.72
C LYS A 147 -29.54 4.75 -1.90
N GLN A 148 -28.42 5.47 -1.79
CA GLN A 148 -27.33 5.33 -2.75
C GLN A 148 -26.64 3.97 -2.61
N SER A 149 -26.81 3.28 -1.47
CA SER A 149 -26.15 2.01 -1.19
C SER A 149 -26.70 0.84 -2.01
N ARG A 150 -27.84 1.02 -2.72
CA ARG A 150 -28.54 -0.09 -3.34
C ARG A 150 -27.83 -0.58 -4.60
N GLY A 151 -27.88 -1.90 -4.80
CA GLY A 151 -27.42 -2.52 -6.03
C GLY A 151 -25.90 -2.44 -6.17
N ARG A 152 -25.19 -2.41 -5.05
CA ARG A 152 -23.74 -2.34 -5.04
C ARG A 152 -23.10 -3.69 -4.73
N GLY A 153 -23.94 -4.72 -4.52
CA GLY A 153 -23.48 -6.00 -4.03
C GLY A 153 -23.24 -5.95 -2.52
N VAL A 154 -22.87 -7.10 -1.96
CA VAL A 154 -22.66 -7.21 -0.52
C VAL A 154 -21.40 -6.44 -0.17
N MET A 155 -21.43 -5.83 1.02
CA MET A 155 -20.38 -4.93 1.46
C MET A 155 -19.88 -5.39 2.83
N VAL A 156 -18.59 -5.13 3.09
CA VAL A 156 -18.01 -5.28 4.41
C VAL A 156 -17.56 -3.89 4.86
N VAL A 157 -18.07 -3.47 6.02
CA VAL A 157 -17.89 -2.11 6.49
C VAL A 157 -17.13 -2.17 7.81
N ILE A 158 -15.96 -1.54 7.82
CA ILE A 158 -15.09 -1.54 8.98
C ILE A 158 -14.00 -0.50 8.79
N ASN A 159 -13.60 0.10 9.91
CA ASN A 159 -12.52 1.08 9.95
C ASN A 159 -12.74 2.17 8.89
N ASP A 160 -13.99 2.68 8.83
CA ASP A 160 -14.40 3.78 7.96
C ASP A 160 -14.40 3.37 6.48
N ARG A 161 -14.30 2.07 6.19
CA ARG A 161 -14.20 1.62 4.81
C ARG A 161 -15.43 0.83 4.40
N ILE A 162 -15.78 0.93 3.10
CA ILE A 162 -16.78 0.06 2.51
C ILE A 162 -16.08 -0.81 1.47
N GLY A 163 -16.01 -2.12 1.77
CA GLY A 163 -15.35 -3.08 0.91
C GLY A 163 -16.36 -3.93 0.16
N SER A 164 -16.12 -4.16 -1.15
CA SER A 164 -16.88 -5.14 -1.89
C SER A 164 -16.49 -6.55 -1.45
N ALA A 165 -17.50 -7.42 -1.27
CA ALA A 165 -17.29 -8.77 -0.74
C ALA A 165 -16.41 -9.59 -1.69
N ARG A 166 -16.40 -9.21 -2.97
CA ARG A 166 -15.67 -9.93 -4.00
C ARG A 166 -14.18 -9.60 -3.95
N TYR A 167 -13.81 -8.44 -3.42
CA TYR A 167 -12.42 -7.99 -3.44
C TYR A 167 -11.81 -7.91 -2.04
N ILE A 168 -12.62 -7.55 -1.04
CA ILE A 168 -12.10 -7.21 0.27
C ILE A 168 -11.62 -8.48 0.92
N THR A 169 -10.54 -8.36 1.70
CA THR A 169 -9.98 -9.46 2.44
C THR A 169 -9.24 -8.97 3.68
N LYS A 170 -9.12 -9.86 4.66
CA LYS A 170 -8.33 -9.61 5.84
C LYS A 170 -6.86 -9.87 5.49
N THR A 171 -6.09 -8.78 5.38
CA THR A 171 -4.72 -8.80 4.89
C THR A 171 -3.71 -8.81 6.04
N ASN A 172 -4.21 -8.73 7.28
CA ASN A 172 -3.37 -8.61 8.46
C ASN A 172 -4.02 -9.38 9.60
N ALA A 173 -3.18 -10.06 10.38
CA ALA A 173 -3.66 -10.90 11.47
C ALA A 173 -4.46 -10.10 12.50
N SER A 174 -3.99 -8.88 12.82
CA SER A 174 -4.24 -8.32 14.14
C SER A 174 -4.53 -6.81 14.14
N THR A 175 -4.58 -6.15 12.98
CA THR A 175 -4.73 -4.70 12.91
C THR A 175 -6.15 -4.28 12.52
N LEU A 176 -6.52 -3.06 12.97
CA LEU A 176 -7.83 -2.48 12.69
C LEU A 176 -8.02 -2.24 11.19
N ASP A 177 -6.91 -1.94 10.51
CA ASP A 177 -6.93 -1.52 9.11
C ASP A 177 -6.65 -2.74 8.22
N THR A 178 -7.03 -3.93 8.68
CA THR A 178 -6.66 -5.19 8.05
C THR A 178 -7.41 -5.40 6.73
N PHE A 179 -8.67 -4.94 6.68
CA PHE A 179 -9.52 -5.20 5.52
C PHE A 179 -9.11 -4.26 4.40
N ARG A 180 -8.50 -4.84 3.36
CA ARG A 180 -8.10 -4.07 2.20
C ARG A 180 -8.36 -4.88 0.95
N ALA A 181 -8.44 -4.14 -0.16
CA ALA A 181 -8.35 -4.67 -1.50
C ALA A 181 -7.29 -3.84 -2.25
N ASN A 182 -6.04 -4.30 -2.19
CA ASN A 182 -4.92 -3.45 -2.58
C ASN A 182 -5.13 -2.92 -4.00
N GLU A 183 -5.41 -3.86 -4.92
CA GLU A 183 -5.47 -3.54 -6.34
C GLU A 183 -6.79 -2.87 -6.71
N GLU A 184 -7.89 -3.23 -6.04
CA GLU A 184 -9.19 -2.80 -6.53
C GLU A 184 -9.87 -1.81 -5.59
N GLY A 185 -9.25 -1.53 -4.43
CA GLY A 185 -9.69 -0.46 -3.54
C GLY A 185 -11.07 -0.68 -2.91
N TYR A 186 -11.60 0.39 -2.33
CA TYR A 186 -12.82 0.36 -1.55
C TYR A 186 -13.98 0.88 -2.37
N LEU A 187 -15.16 0.31 -2.15
CA LEU A 187 -16.36 0.78 -2.83
C LEU A 187 -16.59 2.23 -2.43
N GLY A 188 -16.23 2.57 -1.17
CA GLY A 188 -16.40 3.90 -0.64
C GLY A 188 -15.92 3.99 0.80
N VAL A 189 -16.02 5.20 1.39
CA VAL A 189 -15.52 5.45 2.73
C VAL A 189 -16.56 6.22 3.56
N ILE A 190 -16.47 6.11 4.90
CA ILE A 190 -17.37 6.86 5.76
C ILE A 190 -16.55 7.77 6.66
N ILE A 191 -16.60 9.07 6.35
CA ILE A 191 -15.87 10.10 7.06
C ILE A 191 -16.85 11.21 7.42
N GLY A 192 -16.85 11.62 8.69
CA GLY A 192 -17.71 12.69 9.16
C GLY A 192 -19.20 12.42 8.95
N ASN A 193 -19.66 11.22 9.34
CA ASN A 193 -21.07 10.88 9.34
C ASN A 193 -21.65 10.97 7.92
N ARG A 194 -20.78 10.70 6.93
CA ARG A 194 -21.13 10.85 5.52
C ARG A 194 -20.45 9.76 4.70
N ILE A 195 -21.20 9.17 3.75
CA ILE A 195 -20.70 8.13 2.86
C ILE A 195 -20.15 8.76 1.60
N TYR A 196 -18.92 8.36 1.23
CA TYR A 196 -18.31 8.79 -0.01
C TYR A 196 -18.12 7.55 -0.88
N TYR A 197 -18.98 7.41 -1.90
CA TYR A 197 -18.93 6.28 -2.81
C TYR A 197 -18.00 6.60 -3.97
N GLN A 198 -17.12 5.64 -4.29
CA GLN A 198 -15.98 5.83 -5.18
C GLN A 198 -16.06 4.93 -6.40
N ASN A 199 -16.52 3.68 -6.21
CA ASN A 199 -16.47 2.66 -7.24
C ASN A 199 -17.74 1.82 -7.18
N ARG A 200 -18.16 1.33 -8.35
CA ARG A 200 -19.03 0.16 -8.43
C ARG A 200 -18.23 -0.98 -9.03
N ILE A 201 -18.30 -2.16 -8.40
CA ILE A 201 -17.64 -3.35 -8.91
C ILE A 201 -18.23 -3.70 -10.28
N ASP A 202 -17.34 -3.96 -11.25
CA ASP A 202 -17.73 -4.36 -12.59
C ASP A 202 -17.78 -5.87 -12.66
N LYS A 203 -18.70 -6.47 -11.90
CA LYS A 203 -18.88 -7.91 -11.87
C LYS A 203 -20.34 -8.21 -11.59
N LEU A 204 -20.77 -9.42 -11.95
CA LEU A 204 -22.13 -9.86 -11.72
C LEU A 204 -22.27 -10.21 -10.24
N HIS A 205 -23.46 -9.94 -9.69
CA HIS A 205 -23.73 -10.20 -8.28
C HIS A 205 -25.21 -10.06 -8.00
N THR A 206 -25.60 -10.46 -6.78
CA THR A 206 -26.95 -10.27 -6.26
C THR A 206 -28.00 -10.51 -7.34
N THR A 207 -28.74 -9.47 -7.76
CA THR A 207 -29.90 -9.70 -8.61
C THR A 207 -29.52 -10.10 -10.03
N ARG A 208 -28.25 -9.93 -10.44
CA ARG A 208 -27.81 -10.38 -11.75
C ARG A 208 -27.02 -11.68 -11.65
N SER A 209 -26.91 -12.23 -10.43
CA SER A 209 -26.29 -13.53 -10.23
C SER A 209 -27.24 -14.63 -10.70
N VAL A 210 -26.69 -15.79 -11.06
CA VAL A 210 -27.52 -16.94 -11.39
C VAL A 210 -27.55 -17.89 -10.19
N PHE A 211 -26.69 -17.66 -9.20
CA PHE A 211 -26.60 -18.57 -8.06
C PHE A 211 -27.79 -18.30 -7.13
N ASP A 212 -28.74 -19.25 -7.14
CA ASP A 212 -29.89 -19.16 -6.27
C ASP A 212 -29.99 -20.47 -5.50
N VAL A 213 -29.62 -20.42 -4.22
CA VAL A 213 -29.47 -21.63 -3.41
C VAL A 213 -30.59 -21.73 -2.38
N ARG A 214 -31.76 -21.14 -2.68
CA ARG A 214 -32.88 -21.14 -1.75
C ARG A 214 -33.52 -22.53 -1.63
N GLY A 215 -33.30 -23.41 -2.63
CA GLY A 215 -33.83 -24.76 -2.61
C GLY A 215 -32.87 -25.80 -2.02
N LEU A 216 -31.66 -25.38 -1.62
CA LEU A 216 -30.62 -26.30 -1.18
C LEU A 216 -30.62 -26.42 0.34
N THR A 217 -30.03 -27.51 0.83
CA THR A 217 -29.85 -27.74 2.26
C THR A 217 -28.40 -28.08 2.59
N SER A 218 -27.54 -28.28 1.57
CA SER A 218 -26.12 -28.48 1.78
C SER A 218 -25.36 -28.14 0.51
N LEU A 219 -24.02 -28.10 0.61
CA LEU A 219 -23.20 -27.57 -0.46
C LEU A 219 -22.11 -28.57 -0.80
N PRO A 220 -21.61 -28.60 -2.06
CA PRO A 220 -20.52 -29.50 -2.44
C PRO A 220 -19.28 -29.26 -1.58
N LYS A 221 -18.49 -30.31 -1.35
CA LYS A 221 -17.30 -30.22 -0.53
C LYS A 221 -16.16 -29.66 -1.39
N VAL A 222 -15.52 -28.60 -0.88
CA VAL A 222 -14.39 -27.98 -1.55
C VAL A 222 -13.29 -27.70 -0.51
N ASP A 223 -12.06 -28.03 -0.90
CA ASP A 223 -10.89 -27.93 -0.04
C ASP A 223 -9.88 -26.98 -0.66
N ILE A 224 -8.97 -26.48 0.18
CA ILE A 224 -7.92 -25.60 -0.29
C ILE A 224 -6.58 -26.20 0.12
N LEU A 225 -5.74 -26.45 -0.89
CA LEU A 225 -4.41 -26.97 -0.66
C LEU A 225 -3.40 -25.88 -1.01
N TYR A 226 -2.34 -25.81 -0.21
CA TYR A 226 -1.36 -24.73 -0.30
C TYR A 226 -0.22 -25.14 -1.26
N GLY A 227 0.36 -24.17 -1.95
CA GLY A 227 1.54 -24.41 -2.77
C GLY A 227 2.79 -23.86 -2.07
N TYR A 228 3.88 -24.64 -2.13
CA TYR A 228 5.15 -24.32 -1.48
C TYR A 228 6.22 -25.34 -1.87
N GLN A 229 7.48 -24.99 -1.59
CA GLN A 229 8.60 -25.87 -1.90
C GLN A 229 8.40 -27.21 -1.20
N ASP A 230 8.56 -28.30 -1.97
CA ASP A 230 8.45 -29.66 -1.45
C ASP A 230 7.01 -30.01 -1.10
N ASP A 231 6.03 -29.36 -1.74
CA ASP A 231 4.62 -29.57 -1.41
C ASP A 231 4.20 -30.99 -1.77
N PRO A 232 3.58 -31.75 -0.84
CA PRO A 232 3.27 -33.17 -1.09
C PRO A 232 1.98 -33.48 -1.87
N GLU A 233 2.02 -34.57 -2.63
CA GLU A 233 0.87 -35.07 -3.37
C GLU A 233 -0.11 -35.77 -2.41
N TYR A 234 0.37 -36.24 -1.25
CA TYR A 234 -0.47 -37.03 -0.35
C TYR A 234 -1.68 -36.20 0.11
N LEU A 235 -1.54 -34.87 0.13
CA LEU A 235 -2.63 -33.99 0.53
C LEU A 235 -3.74 -34.01 -0.52
N TYR A 236 -3.35 -34.13 -1.80
CA TYR A 236 -4.33 -34.26 -2.87
C TYR A 236 -5.06 -35.59 -2.69
N ASP A 237 -4.30 -36.63 -2.37
CA ASP A 237 -4.88 -37.96 -2.20
C ASP A 237 -5.92 -37.88 -1.10
N ALA A 238 -5.53 -37.35 0.06
CA ALA A 238 -6.42 -37.21 1.20
C ALA A 238 -7.72 -36.53 0.76
N ALA A 239 -7.60 -35.43 0.02
CA ALA A 239 -8.75 -34.66 -0.40
C ALA A 239 -9.67 -35.53 -1.26
N ILE A 240 -9.08 -36.26 -2.22
CA ILE A 240 -9.84 -37.05 -3.17
C ILE A 240 -10.55 -38.18 -2.42
N GLN A 241 -9.82 -38.85 -1.52
CA GLN A 241 -10.34 -40.03 -0.84
C GLN A 241 -11.52 -39.67 0.06
N HIS A 242 -11.66 -38.38 0.41
CA HIS A 242 -12.75 -37.94 1.27
C HIS A 242 -13.87 -37.28 0.48
N GLY A 243 -13.81 -37.38 -0.86
CA GLY A 243 -14.96 -37.11 -1.71
C GLY A 243 -15.14 -35.64 -2.09
N VAL A 244 -14.06 -34.85 -2.11
CA VAL A 244 -14.17 -33.44 -2.46
C VAL A 244 -14.59 -33.36 -3.93
N LYS A 245 -15.47 -32.41 -4.23
CA LYS A 245 -15.95 -32.21 -5.59
C LYS A 245 -15.09 -31.17 -6.28
N GLY A 246 -14.41 -30.35 -5.47
CA GLY A 246 -13.49 -29.35 -6.00
C GLY A 246 -12.29 -29.12 -5.08
N ILE A 247 -11.19 -28.65 -5.68
CA ILE A 247 -9.99 -28.30 -4.93
C ILE A 247 -9.52 -26.93 -5.40
N VAL A 248 -9.35 -26.01 -4.44
CA VAL A 248 -8.73 -24.73 -4.70
C VAL A 248 -7.27 -24.85 -4.28
N TYR A 249 -6.39 -24.27 -5.12
CA TYR A 249 -4.96 -24.39 -4.91
C TYR A 249 -4.39 -23.00 -4.63
N ALA A 250 -4.01 -22.76 -3.36
CA ALA A 250 -3.33 -21.53 -2.99
C ALA A 250 -1.92 -21.59 -3.56
N GLY A 251 -1.82 -21.30 -4.86
CA GLY A 251 -0.64 -21.62 -5.64
C GLY A 251 0.54 -20.73 -5.31
N MET A 252 1.74 -21.26 -5.55
CA MET A 252 2.96 -20.46 -5.58
C MET A 252 2.84 -19.54 -6.78
N GLY A 253 3.00 -18.23 -6.55
CA GLY A 253 2.92 -17.24 -7.62
C GLY A 253 1.56 -17.29 -8.33
N ALA A 254 1.61 -17.34 -9.67
CA ALA A 254 0.41 -17.27 -10.49
C ALA A 254 -0.10 -18.68 -10.79
N GLY A 255 -0.41 -19.44 -9.73
CA GLY A 255 -1.01 -20.75 -9.89
C GLY A 255 -0.01 -21.82 -10.33
N SER A 256 1.30 -21.52 -10.21
CA SER A 256 2.37 -22.43 -10.56
C SER A 256 2.27 -23.71 -9.74
N VAL A 257 2.63 -24.83 -10.38
CA VAL A 257 2.44 -26.14 -9.78
C VAL A 257 3.74 -26.94 -9.88
N SER A 258 4.15 -27.57 -8.78
CA SER A 258 5.28 -28.47 -8.77
C SER A 258 4.91 -29.78 -9.47
N VAL A 259 5.90 -30.67 -9.64
CA VAL A 259 5.68 -31.98 -10.24
C VAL A 259 4.74 -32.79 -9.35
N ARG A 260 4.83 -32.57 -8.03
CA ARG A 260 3.98 -33.27 -7.07
C ARG A 260 2.57 -32.72 -7.13
N GLY A 261 2.47 -31.39 -7.25
CA GLY A 261 1.19 -30.74 -7.41
C GLY A 261 0.50 -31.18 -8.70
N ILE A 262 1.28 -31.28 -9.78
CA ILE A 262 0.73 -31.64 -11.08
C ILE A 262 0.21 -33.08 -11.04
N ALA A 263 0.93 -33.96 -10.35
CA ALA A 263 0.51 -35.35 -10.22
C ALA A 263 -0.84 -35.43 -9.50
N GLY A 264 -0.94 -34.75 -8.36
CA GLY A 264 -2.13 -34.82 -7.51
C GLY A 264 -3.34 -34.15 -8.16
N MET A 265 -3.09 -33.12 -8.96
CA MET A 265 -4.15 -32.44 -9.67
C MET A 265 -4.71 -33.37 -10.74
N ARG A 266 -3.82 -33.87 -11.60
CA ARG A 266 -4.16 -34.80 -12.67
C ARG A 266 -4.89 -36.02 -12.13
N LYS A 267 -4.48 -36.51 -10.95
CA LYS A 267 -5.18 -37.61 -10.31
C LYS A 267 -6.59 -37.18 -9.92
N ALA A 268 -6.70 -35.96 -9.38
CA ALA A 268 -7.98 -35.38 -8.99
C ALA A 268 -8.88 -35.24 -10.20
N LEU A 269 -8.33 -34.75 -11.31
CA LEU A 269 -9.09 -34.50 -12.54
C LEU A 269 -9.60 -35.81 -13.14
N GLU A 270 -8.75 -36.85 -13.13
CA GLU A 270 -9.14 -38.20 -13.52
C GLU A 270 -10.38 -38.66 -12.76
N LYS A 271 -10.40 -38.35 -11.46
CA LYS A 271 -11.49 -38.72 -10.56
C LYS A 271 -12.68 -37.77 -10.69
N GLY A 272 -12.53 -36.72 -11.53
CA GLY A 272 -13.62 -35.81 -11.84
C GLY A 272 -13.79 -34.69 -10.81
N VAL A 273 -12.74 -34.41 -10.04
CA VAL A 273 -12.69 -33.24 -9.16
C VAL A 273 -12.35 -32.03 -10.01
N VAL A 274 -13.02 -30.89 -9.76
CA VAL A 274 -12.62 -29.65 -10.39
C VAL A 274 -11.45 -29.06 -9.60
N VAL A 275 -10.40 -28.66 -10.33
CA VAL A 275 -9.25 -28.02 -9.73
C VAL A 275 -9.21 -26.57 -10.19
N MET A 276 -9.03 -25.68 -9.21
CA MET A 276 -9.04 -24.24 -9.43
C MET A 276 -7.70 -23.73 -8.92
N ARG A 277 -6.85 -23.24 -9.83
CA ARG A 277 -5.52 -22.76 -9.48
C ARG A 277 -5.63 -21.28 -9.12
N SER A 278 -5.49 -20.99 -7.82
CA SER A 278 -5.45 -19.64 -7.30
C SER A 278 -4.02 -19.33 -6.84
N THR A 279 -3.87 -18.38 -5.89
CA THR A 279 -2.54 -17.92 -5.50
C THR A 279 -2.46 -17.64 -4.00
N ARG A 280 -1.27 -17.88 -3.43
CA ARG A 280 -1.02 -17.64 -2.02
C ARG A 280 -0.44 -16.23 -1.82
N THR A 281 -0.27 -15.47 -2.89
CA THR A 281 0.47 -14.22 -2.82
C THR A 281 -0.33 -13.15 -2.10
N GLY A 282 -1.66 -13.18 -2.29
CA GLY A 282 -2.59 -12.31 -1.60
C GLY A 282 -3.39 -11.43 -2.54
N ASN A 283 -2.97 -11.34 -3.82
CA ASN A 283 -3.46 -10.35 -4.76
C ASN A 283 -3.19 -10.79 -6.20
N GLY A 284 -3.92 -10.20 -7.15
CA GLY A 284 -3.53 -10.25 -8.55
C GLY A 284 -4.23 -11.34 -9.36
N ILE A 285 -3.93 -11.33 -10.67
CA ILE A 285 -4.52 -12.24 -11.65
C ILE A 285 -3.68 -13.52 -11.75
N VAL A 286 -4.36 -14.67 -11.61
CA VAL A 286 -3.87 -15.95 -12.11
C VAL A 286 -4.41 -16.13 -13.52
N PRO A 287 -3.59 -15.97 -14.58
CA PRO A 287 -4.07 -16.01 -15.96
C PRO A 287 -4.25 -17.43 -16.50
N PRO A 288 -4.94 -17.61 -17.65
CA PRO A 288 -5.05 -18.93 -18.26
C PRO A 288 -3.68 -19.45 -18.71
N ASP A 289 -3.44 -20.73 -18.48
CA ASP A 289 -2.27 -21.43 -18.98
C ASP A 289 -2.72 -22.83 -19.40
N GLU A 290 -2.84 -23.05 -20.71
CA GLU A 290 -3.43 -24.29 -21.22
C GLU A 290 -2.47 -25.47 -21.05
N GLU A 291 -1.21 -25.16 -20.70
CA GLU A 291 -0.19 -26.15 -20.42
C GLU A 291 -0.36 -26.75 -19.03
N LEU A 292 -1.17 -26.10 -18.18
CA LEU A 292 -1.34 -26.55 -16.80
C LEU A 292 -2.76 -27.05 -16.59
N PRO A 293 -2.94 -28.04 -15.69
CA PRO A 293 -4.26 -28.61 -15.44
C PRO A 293 -5.14 -27.64 -14.68
N GLY A 294 -6.43 -27.97 -14.60
CA GLY A 294 -7.38 -27.22 -13.82
C GLY A 294 -7.70 -25.87 -14.45
N LEU A 295 -8.52 -25.10 -13.70
CA LEU A 295 -8.94 -23.77 -14.08
C LEU A 295 -8.09 -22.75 -13.34
N VAL A 296 -8.33 -21.47 -13.63
CA VAL A 296 -7.64 -20.37 -12.98
C VAL A 296 -8.65 -19.48 -12.26
N SER A 297 -8.20 -18.87 -11.16
CA SER A 297 -9.08 -18.18 -10.23
C SER A 297 -9.32 -16.72 -10.62
N ASP A 298 -8.72 -16.23 -11.71
CA ASP A 298 -8.85 -14.83 -12.06
C ASP A 298 -8.13 -14.03 -10.97
N SER A 299 -8.82 -13.03 -10.37
CA SER A 299 -8.26 -12.31 -9.23
C SER A 299 -8.88 -12.79 -7.91
N LEU A 300 -9.55 -13.95 -7.92
CA LEU A 300 -10.14 -14.45 -6.69
C LEU A 300 -9.02 -15.07 -5.84
N ASN A 301 -8.91 -14.62 -4.60
CA ASN A 301 -7.97 -15.20 -3.66
C ASN A 301 -8.47 -16.61 -3.31
N PRO A 302 -7.66 -17.48 -2.68
CA PRO A 302 -8.10 -18.85 -2.38
C PRO A 302 -9.47 -18.89 -1.74
N ALA A 303 -9.66 -18.09 -0.69
CA ALA A 303 -10.85 -18.18 0.15
C ALA A 303 -12.09 -17.78 -0.64
N HIS A 304 -11.96 -16.82 -1.56
CA HIS A 304 -13.07 -16.40 -2.40
C HIS A 304 -13.32 -17.45 -3.48
N ALA A 305 -12.21 -17.93 -4.05
CA ALA A 305 -12.23 -18.93 -5.11
C ALA A 305 -13.07 -20.11 -4.65
N ARG A 306 -12.84 -20.55 -3.41
CA ARG A 306 -13.51 -21.73 -2.87
C ARG A 306 -15.01 -21.47 -2.79
N ILE A 307 -15.42 -20.29 -2.32
CA ILE A 307 -16.84 -20.00 -2.20
C ILE A 307 -17.50 -20.15 -3.56
N LEU A 308 -16.89 -19.55 -4.58
CA LEU A 308 -17.49 -19.53 -5.91
C LEU A 308 -17.48 -20.93 -6.54
N LEU A 309 -16.49 -21.76 -6.18
CA LEU A 309 -16.40 -23.11 -6.71
C LEU A 309 -17.51 -23.98 -6.09
N MET A 310 -17.74 -23.87 -4.78
CA MET A 310 -18.84 -24.57 -4.13
C MET A 310 -20.15 -24.33 -4.88
N LEU A 311 -20.46 -23.05 -5.10
CA LEU A 311 -21.73 -22.66 -5.70
C LEU A 311 -21.78 -23.13 -7.16
N ALA A 312 -20.70 -22.91 -7.90
CA ALA A 312 -20.65 -23.32 -9.29
C ALA A 312 -20.90 -24.82 -9.41
N LEU A 313 -20.46 -25.60 -8.41
CA LEU A 313 -20.58 -27.05 -8.45
C LEU A 313 -22.01 -27.50 -8.23
N THR A 314 -22.84 -26.66 -7.59
CA THR A 314 -24.25 -26.94 -7.38
C THR A 314 -25.03 -26.93 -8.69
N ARG A 315 -24.48 -26.27 -9.72
CA ARG A 315 -25.18 -26.07 -10.98
C ARG A 315 -24.52 -26.84 -12.12
N THR A 316 -23.19 -26.93 -12.09
CA THR A 316 -22.45 -27.51 -13.19
C THR A 316 -21.18 -28.16 -12.66
N SER A 317 -20.69 -29.17 -13.39
CA SER A 317 -19.38 -29.74 -13.15
C SER A 317 -18.53 -29.60 -14.42
N ASP A 318 -19.00 -28.76 -15.35
CA ASP A 318 -18.36 -28.57 -16.64
C ASP A 318 -17.31 -27.45 -16.50
N PRO A 319 -16.00 -27.75 -16.63
CA PRO A 319 -14.96 -26.75 -16.40
C PRO A 319 -15.08 -25.46 -17.21
N LYS A 320 -15.54 -25.56 -18.46
CA LYS A 320 -15.72 -24.40 -19.32
C LYS A 320 -16.68 -23.39 -18.67
N VAL A 321 -17.80 -23.90 -18.15
CA VAL A 321 -18.83 -23.06 -17.58
C VAL A 321 -18.30 -22.41 -16.31
N ILE A 322 -17.65 -23.23 -15.47
CA ILE A 322 -17.05 -22.78 -14.23
C ILE A 322 -15.98 -21.72 -14.51
N GLN A 323 -15.19 -21.89 -15.58
CA GLN A 323 -14.18 -20.90 -15.88
C GLN A 323 -14.83 -19.54 -16.16
N GLU A 324 -15.99 -19.55 -16.82
CA GLU A 324 -16.66 -18.30 -17.16
C GLU A 324 -17.18 -17.60 -15.90
N TYR A 325 -17.68 -18.40 -14.94
CA TYR A 325 -18.12 -17.88 -13.67
C TYR A 325 -16.98 -17.09 -13.04
N PHE A 326 -15.80 -17.71 -12.95
CA PHE A 326 -14.65 -17.13 -12.25
C PHE A 326 -14.15 -15.85 -12.91
N HIS A 327 -14.47 -15.67 -14.20
CA HIS A 327 -14.12 -14.46 -14.93
C HIS A 327 -15.19 -13.37 -14.85
N THR A 328 -16.40 -13.70 -14.38
CA THR A 328 -17.51 -12.76 -14.45
C THR A 328 -18.17 -12.52 -13.09
N TYR A 329 -17.78 -13.26 -12.04
CA TYR A 329 -18.29 -13.05 -10.71
C TYR A 329 -17.15 -12.64 -9.77
N LYS B 5 -12.29 -7.04 -36.10
CA LYS B 5 -11.39 -6.12 -36.85
C LYS B 5 -10.59 -5.27 -35.88
N LEU B 6 -9.44 -4.75 -36.33
CA LEU B 6 -8.61 -3.86 -35.55
C LEU B 6 -9.27 -2.49 -35.45
N PRO B 7 -9.33 -1.88 -34.23
CA PRO B 7 -9.89 -0.54 -34.05
C PRO B 7 -8.94 0.56 -34.50
N ASN B 8 -9.47 1.78 -34.69
CA ASN B 8 -8.66 2.91 -35.14
C ASN B 8 -8.26 3.77 -33.94
N ILE B 9 -6.95 3.95 -33.74
CA ILE B 9 -6.45 4.64 -32.56
C ILE B 9 -5.50 5.74 -33.01
N VAL B 10 -5.81 7.00 -32.66
CA VAL B 10 -4.82 8.06 -32.79
C VAL B 10 -3.94 8.07 -31.55
N ILE B 11 -2.63 8.18 -31.75
CA ILE B 11 -1.67 8.39 -30.68
C ILE B 11 -1.20 9.83 -30.77
N LEU B 12 -1.72 10.68 -29.87
CA LEU B 12 -1.21 12.03 -29.70
C LEU B 12 0.01 12.01 -28.79
N ALA B 13 1.12 12.62 -29.22
CA ALA B 13 2.29 12.74 -28.37
C ALA B 13 2.42 14.18 -27.89
N THR B 14 2.78 14.36 -26.62
CA THR B 14 2.88 15.68 -26.02
C THR B 14 4.33 16.01 -25.65
N GLY B 15 5.21 15.01 -25.67
CA GLY B 15 6.63 15.20 -25.44
C GLY B 15 7.48 14.32 -26.36
N GLY B 16 8.67 13.94 -25.89
CA GLY B 16 9.56 13.05 -26.62
C GLY B 16 9.10 11.59 -26.52
N THR B 17 9.70 10.72 -27.34
CA THR B 17 9.33 9.32 -27.31
C THR B 17 9.57 8.74 -25.92
N ILE B 18 8.72 7.78 -25.55
CA ILE B 18 8.87 6.96 -24.35
C ILE B 18 9.40 5.58 -24.71
N ALA B 19 9.45 5.24 -26.02
CA ALA B 19 10.03 3.98 -26.48
C ALA B 19 11.07 4.24 -27.56
N GLY B 20 12.21 3.53 -27.46
CA GLY B 20 13.27 3.60 -28.44
C GLY B 20 14.64 3.38 -27.80
N SER B 21 15.44 2.49 -28.41
CA SER B 21 16.80 2.21 -27.95
C SER B 21 17.79 3.13 -28.67
N ALA B 22 18.96 3.33 -28.05
CA ALA B 22 20.09 3.98 -28.71
C ALA B 22 21.03 2.92 -29.28
N ALA B 23 22.34 3.15 -29.20
CA ALA B 23 23.34 2.27 -29.79
C ALA B 23 24.43 1.95 -28.77
N THR B 24 24.57 0.66 -28.43
CA THR B 24 25.74 0.14 -27.75
C THR B 24 26.12 -1.20 -28.40
N GLY B 25 27.41 -1.56 -28.29
CA GLY B 25 27.93 -2.77 -28.91
C GLY B 25 28.08 -2.63 -30.42
N THR B 26 27.08 -3.15 -31.16
CA THR B 26 27.05 -3.05 -32.61
C THR B 26 25.70 -2.49 -33.10
N GLN B 27 24.69 -2.43 -32.22
CA GLN B 27 23.35 -1.99 -32.60
C GLN B 27 23.36 -0.49 -32.92
N THR B 28 22.47 -0.08 -33.83
CA THR B 28 22.30 1.32 -34.20
C THR B 28 20.96 1.82 -33.66
N THR B 29 20.81 3.15 -33.56
CA THR B 29 19.72 3.79 -32.83
C THR B 29 18.38 3.59 -33.55
N GLY B 30 17.29 3.90 -32.84
CA GLY B 30 15.98 4.12 -33.44
C GLY B 30 15.65 5.62 -33.55
N TYR B 31 16.60 6.45 -33.10
CA TYR B 31 16.53 7.90 -33.17
C TYR B 31 17.26 8.36 -34.44
N LYS B 32 16.49 8.46 -35.54
CA LYS B 32 17.03 8.83 -36.84
C LYS B 32 17.10 10.35 -36.93
N ALA B 33 17.73 10.84 -37.99
CA ALA B 33 17.96 12.27 -38.17
C ALA B 33 16.64 12.97 -38.54
N GLY B 34 16.24 13.95 -37.70
CA GLY B 34 15.05 14.74 -37.97
C GLY B 34 13.74 14.02 -37.62
N ALA B 35 13.84 12.79 -37.09
CA ALA B 35 12.68 11.96 -36.78
C ALA B 35 11.82 12.63 -35.72
N LEU B 36 10.50 12.44 -35.82
CA LEU B 36 9.51 13.32 -35.23
C LEU B 36 9.41 13.10 -33.71
N GLY B 37 9.42 11.83 -33.28
CA GLY B 37 9.27 11.51 -31.87
C GLY B 37 8.15 10.49 -31.68
N VAL B 38 6.95 10.84 -32.16
CA VAL B 38 5.84 9.91 -32.16
C VAL B 38 6.06 8.83 -33.24
N ASP B 39 6.85 9.16 -34.28
CA ASP B 39 7.23 8.16 -35.26
C ASP B 39 8.33 7.27 -34.69
N THR B 40 9.32 7.89 -34.03
CA THR B 40 10.32 7.17 -33.28
C THR B 40 9.60 6.14 -32.40
N LEU B 41 8.54 6.61 -31.72
CA LEU B 41 7.77 5.80 -30.78
C LEU B 41 7.15 4.60 -31.48
N ILE B 42 6.47 4.83 -32.61
CA ILE B 42 5.63 3.82 -33.23
C ILE B 42 6.50 2.78 -33.94
N ASN B 43 7.61 3.25 -34.53
CA ASN B 43 8.60 2.39 -35.16
C ASN B 43 9.29 1.50 -34.12
N ALA B 44 9.44 2.01 -32.89
CA ALA B 44 10.12 1.30 -31.81
C ALA B 44 9.24 0.20 -31.21
N VAL B 45 7.92 0.25 -31.45
CA VAL B 45 7.00 -0.74 -30.88
C VAL B 45 6.06 -1.20 -31.98
N PRO B 46 6.55 -1.92 -33.01
CA PRO B 46 5.67 -2.38 -34.09
C PRO B 46 4.62 -3.43 -33.69
N GLU B 47 4.62 -3.84 -32.41
CA GLU B 47 3.62 -4.80 -31.92
C GLU B 47 2.27 -4.12 -31.75
N VAL B 48 2.25 -2.78 -31.70
CA VAL B 48 0.99 -2.05 -31.59
C VAL B 48 0.15 -2.30 -32.85
N LYS B 49 0.81 -2.49 -34.00
CA LYS B 49 0.13 -2.63 -35.29
C LYS B 49 -0.81 -3.84 -35.25
N LYS B 50 -0.47 -4.83 -34.41
CA LYS B 50 -1.27 -6.04 -34.30
C LYS B 50 -2.55 -5.78 -33.52
N LEU B 51 -2.49 -4.83 -32.57
CA LEU B 51 -3.62 -4.48 -31.71
C LEU B 51 -4.57 -3.51 -32.42
N ALA B 52 -4.01 -2.55 -33.18
CA ALA B 52 -4.80 -1.47 -33.75
C ALA B 52 -4.18 -0.90 -35.02
N ASN B 53 -5.02 -0.27 -35.84
CA ASN B 53 -4.55 0.64 -36.88
C ASN B 53 -4.29 1.98 -36.22
N VAL B 54 -3.02 2.27 -35.93
CA VAL B 54 -2.68 3.47 -35.19
C VAL B 54 -2.25 4.54 -36.17
N LYS B 55 -2.37 5.80 -35.73
CA LYS B 55 -1.87 6.93 -36.49
C LYS B 55 -1.26 7.92 -35.49
N GLY B 56 0.05 8.12 -35.62
CA GLY B 56 0.76 9.08 -34.79
C GLY B 56 0.39 10.51 -35.17
N GLU B 57 0.50 11.41 -34.18
CA GLU B 57 0.31 12.83 -34.38
C GLU B 57 1.06 13.54 -33.25
N GLN B 58 2.06 14.35 -33.63
CA GLN B 58 2.79 15.11 -32.63
C GLN B 58 1.97 16.37 -32.32
N PHE B 59 1.29 16.33 -31.16
CA PHE B 59 0.40 17.42 -30.75
C PHE B 59 1.21 18.57 -30.16
N SER B 60 2.15 18.22 -29.27
CA SER B 60 3.02 19.20 -28.63
C SER B 60 4.39 18.54 -28.41
N ASN B 61 5.32 19.26 -27.76
CA ASN B 61 6.62 18.68 -27.51
C ASN B 61 7.25 19.33 -26.29
N MET B 62 6.83 18.90 -25.08
CA MET B 62 7.36 19.44 -23.83
C MET B 62 7.38 18.37 -22.74
N ALA B 63 8.26 18.57 -21.76
CA ALA B 63 8.22 17.85 -20.51
C ALA B 63 6.96 18.25 -19.72
N SER B 64 6.30 17.28 -19.08
CA SER B 64 5.01 17.47 -18.43
C SER B 64 5.08 18.54 -17.35
N GLU B 65 6.26 18.80 -16.78
CA GLU B 65 6.40 19.89 -15.83
C GLU B 65 6.11 21.25 -16.49
N ASN B 66 6.19 21.33 -17.83
CA ASN B 66 5.95 22.59 -18.54
C ASN B 66 4.57 22.61 -19.18
N MET B 67 3.80 21.53 -19.03
CA MET B 67 2.45 21.51 -19.56
C MET B 67 1.66 22.61 -18.85
N THR B 68 0.91 23.39 -19.65
CA THR B 68 0.16 24.53 -19.13
C THR B 68 -1.33 24.34 -19.41
N GLY B 69 -2.16 24.80 -18.48
CA GLY B 69 -3.60 24.78 -18.62
C GLY B 69 -4.06 25.11 -20.04
N ASP B 70 -3.47 26.16 -20.63
CA ASP B 70 -3.88 26.65 -21.93
C ASP B 70 -3.58 25.61 -23.01
N VAL B 71 -2.48 24.86 -22.85
CA VAL B 71 -2.14 23.79 -23.78
C VAL B 71 -3.08 22.60 -23.56
N VAL B 72 -3.41 22.31 -22.29
CA VAL B 72 -4.30 21.20 -21.95
C VAL B 72 -5.67 21.47 -22.57
N LEU B 73 -6.08 22.75 -22.52
CA LEU B 73 -7.33 23.18 -23.12
C LEU B 73 -7.39 22.75 -24.59
N LYS B 74 -6.31 23.00 -25.34
CA LYS B 74 -6.31 22.69 -26.76
C LYS B 74 -6.32 21.17 -26.94
N LEU B 75 -5.64 20.46 -26.04
CA LEU B 75 -5.56 19.01 -26.10
C LEU B 75 -6.96 18.43 -25.92
N SER B 76 -7.71 18.92 -24.94
CA SER B 76 -9.09 18.52 -24.71
C SER B 76 -9.93 18.71 -25.97
N GLN B 77 -9.75 19.88 -26.61
CA GLN B 77 -10.53 20.28 -27.77
C GLN B 77 -10.10 19.47 -28.99
N ARG B 78 -8.80 19.14 -29.04
CA ARG B 78 -8.26 18.33 -30.11
C ARG B 78 -8.82 16.91 -30.00
N VAL B 79 -8.87 16.37 -28.77
CA VAL B 79 -9.35 15.02 -28.53
C VAL B 79 -10.85 14.94 -28.89
N ASN B 80 -11.62 15.99 -28.54
CA ASN B 80 -13.05 16.03 -28.84
C ASN B 80 -13.30 15.94 -30.35
N GLU B 81 -12.47 16.62 -31.15
CA GLU B 81 -12.60 16.56 -32.60
C GLU B 81 -12.43 15.13 -33.08
N LEU B 82 -11.33 14.51 -32.65
CA LEU B 82 -10.99 13.15 -33.03
C LEU B 82 -12.15 12.22 -32.67
N LEU B 83 -12.58 12.22 -31.41
CA LEU B 83 -13.53 11.24 -30.91
C LEU B 83 -14.92 11.45 -31.51
N ALA B 84 -15.15 12.60 -32.16
CA ALA B 84 -16.39 12.87 -32.87
C ALA B 84 -16.40 12.15 -34.22
N ARG B 85 -15.21 11.89 -34.76
CA ARG B 85 -15.06 11.29 -36.07
C ARG B 85 -15.42 9.80 -35.99
N ASP B 86 -15.92 9.26 -37.11
CA ASP B 86 -16.27 7.85 -37.21
C ASP B 86 -15.00 7.01 -37.33
N ASP B 87 -13.98 7.56 -38.02
CA ASP B 87 -12.76 6.84 -38.35
C ASP B 87 -11.81 6.79 -37.15
N VAL B 88 -12.31 7.03 -35.93
CA VAL B 88 -11.51 7.03 -34.72
C VAL B 88 -12.29 6.38 -33.58
N ASP B 89 -11.77 5.23 -33.11
CA ASP B 89 -12.44 4.42 -32.09
C ASP B 89 -11.93 4.76 -30.69
N GLY B 90 -10.69 5.25 -30.58
CA GLY B 90 -10.14 5.68 -29.30
C GLY B 90 -8.83 6.46 -29.48
N VAL B 91 -8.29 6.97 -28.35
CA VAL B 91 -7.14 7.85 -28.38
C VAL B 91 -6.17 7.48 -27.24
N VAL B 92 -4.89 7.35 -27.60
CA VAL B 92 -3.81 7.20 -26.63
C VAL B 92 -2.97 8.47 -26.68
N ILE B 93 -2.50 8.93 -25.50
CA ILE B 93 -1.85 10.21 -25.36
C ILE B 93 -0.57 10.03 -24.55
N THR B 94 0.58 10.21 -25.21
CA THR B 94 1.86 10.10 -24.53
C THR B 94 2.14 11.42 -23.81
N HIS B 95 2.53 11.29 -22.53
CA HIS B 95 2.60 12.41 -21.61
C HIS B 95 3.65 12.09 -20.57
N GLY B 96 4.38 13.10 -20.10
CA GLY B 96 5.28 12.93 -18.97
C GLY B 96 4.52 12.51 -17.71
N THR B 97 5.20 11.78 -16.83
CA THR B 97 4.56 11.21 -15.66
C THR B 97 4.20 12.29 -14.63
N ASP B 98 4.96 13.39 -14.63
CA ASP B 98 4.92 14.38 -13.56
C ASP B 98 3.53 14.98 -13.39
N THR B 99 2.89 15.42 -14.48
CA THR B 99 1.59 16.10 -14.39
C THR B 99 0.54 15.43 -15.27
N VAL B 100 0.72 14.15 -15.59
CA VAL B 100 -0.25 13.40 -16.39
C VAL B 100 -1.59 13.36 -15.67
N GLU B 101 -1.56 13.25 -14.33
CA GLU B 101 -2.78 13.19 -13.54
C GLU B 101 -3.59 14.48 -13.72
N GLU B 102 -2.87 15.60 -13.91
CA GLU B 102 -3.48 16.91 -14.07
C GLU B 102 -4.14 16.97 -15.42
N SER B 103 -3.35 16.71 -16.47
CA SER B 103 -3.87 16.70 -17.82
C SER B 103 -4.99 15.67 -17.95
N ALA B 104 -4.81 14.49 -17.34
CA ALA B 104 -5.76 13.40 -17.49
C ALA B 104 -7.13 13.76 -16.92
N TYR B 105 -7.14 14.41 -15.76
CA TYR B 105 -8.38 14.74 -15.07
C TYR B 105 -9.09 15.89 -15.81
N PHE B 106 -8.33 16.81 -16.40
CA PHE B 106 -8.92 17.84 -17.23
C PHE B 106 -9.79 17.21 -18.32
N LEU B 107 -9.21 16.28 -19.09
CA LEU B 107 -9.93 15.66 -20.19
C LEU B 107 -11.03 14.73 -19.68
N HIS B 108 -10.86 14.21 -18.45
CA HIS B 108 -11.86 13.37 -17.80
C HIS B 108 -13.16 14.14 -17.61
N LEU B 109 -13.03 15.46 -17.43
CA LEU B 109 -14.15 16.35 -17.15
C LEU B 109 -14.70 16.99 -18.43
N THR B 110 -13.88 17.02 -19.49
CA THR B 110 -14.19 17.90 -20.62
C THR B 110 -14.32 17.15 -21.95
N VAL B 111 -14.07 15.83 -21.99
CA VAL B 111 -14.21 15.10 -23.24
C VAL B 111 -15.65 14.58 -23.34
N LYS B 112 -16.41 15.04 -24.33
CA LYS B 112 -17.82 14.70 -24.46
C LYS B 112 -17.99 13.49 -25.36
N SER B 113 -17.41 12.35 -24.94
CA SER B 113 -17.42 11.12 -25.71
C SER B 113 -17.20 9.95 -24.76
N ASP B 114 -17.86 8.82 -25.07
CA ASP B 114 -17.71 7.57 -24.34
C ASP B 114 -16.50 6.79 -24.88
N LYS B 115 -15.86 7.29 -25.95
CA LYS B 115 -14.76 6.57 -26.58
C LYS B 115 -13.52 6.66 -25.70
N PRO B 116 -12.75 5.56 -25.57
CA PRO B 116 -11.66 5.50 -24.60
C PRO B 116 -10.61 6.57 -24.88
N VAL B 117 -10.25 7.29 -23.81
CA VAL B 117 -9.13 8.20 -23.82
C VAL B 117 -8.13 7.69 -22.80
N VAL B 118 -6.98 7.22 -23.28
CA VAL B 118 -5.98 6.59 -22.44
C VAL B 118 -4.71 7.42 -22.49
N PHE B 119 -4.37 8.05 -21.36
CA PHE B 119 -3.03 8.59 -21.20
C PHE B 119 -2.09 7.43 -20.93
N VAL B 120 -0.84 7.57 -21.40
CA VAL B 120 0.22 6.60 -21.16
C VAL B 120 1.51 7.37 -20.92
N ALA B 121 2.38 6.82 -20.07
CA ALA B 121 3.63 7.47 -19.73
C ALA B 121 4.70 6.44 -19.35
N ALA B 122 5.89 6.94 -18.97
CA ALA B 122 7.05 6.10 -18.69
C ALA B 122 7.93 6.72 -17.62
N MET B 123 8.31 5.89 -16.64
CA MET B 123 9.09 6.37 -15.51
C MET B 123 10.57 6.16 -15.77
N ARG B 124 10.89 5.30 -16.74
CA ARG B 124 12.26 5.14 -17.19
C ARG B 124 12.41 5.72 -18.59
N PRO B 125 13.52 6.46 -18.86
CA PRO B 125 13.82 6.93 -20.22
C PRO B 125 13.79 5.79 -21.23
N ALA B 126 13.32 6.11 -22.44
CA ALA B 126 13.20 5.13 -23.51
C ALA B 126 14.51 4.37 -23.72
N THR B 127 15.63 5.08 -23.57
CA THR B 127 16.97 4.54 -23.84
C THR B 127 17.52 3.74 -22.68
N ALA B 128 16.73 3.57 -21.60
CA ALA B 128 17.21 2.88 -20.40
C ALA B 128 17.10 1.37 -20.56
N ILE B 129 17.98 0.65 -19.86
CA ILE B 129 17.84 -0.79 -19.73
C ILE B 129 16.49 -1.04 -19.05
N SER B 130 15.70 -1.95 -19.64
CA SER B 130 14.42 -2.35 -19.07
C SER B 130 13.45 -1.17 -19.02
N ALA B 131 13.31 -0.44 -20.14
CA ALA B 131 12.41 0.70 -20.19
C ALA B 131 10.96 0.21 -20.22
N ASP B 132 10.10 0.87 -19.44
CA ASP B 132 8.73 0.45 -19.23
C ASP B 132 7.83 0.91 -20.39
N GLY B 133 8.25 1.99 -21.06
CA GLY B 133 7.43 2.66 -22.07
C GLY B 133 6.88 1.72 -23.15
N PRO B 134 7.73 0.93 -23.85
CA PRO B 134 7.25 -0.08 -24.79
C PRO B 134 5.98 -0.80 -24.32
N MET B 135 6.03 -1.51 -23.18
CA MET B 135 4.88 -2.31 -22.77
C MET B 135 3.74 -1.41 -22.31
N ASN B 136 4.07 -0.23 -21.76
CA ASN B 136 3.08 0.74 -21.33
C ASN B 136 2.21 1.13 -22.53
N LEU B 137 2.86 1.43 -23.66
CA LEU B 137 2.14 1.82 -24.87
C LEU B 137 1.28 0.67 -25.38
N LEU B 138 1.81 -0.56 -25.37
CA LEU B 138 1.07 -1.70 -25.87
C LEU B 138 -0.23 -1.85 -25.09
N GLU B 139 -0.10 -1.80 -23.76
CA GLU B 139 -1.26 -1.91 -22.87
C GLU B 139 -2.22 -0.76 -23.15
N ALA B 140 -1.67 0.46 -23.21
CA ALA B 140 -2.42 1.67 -23.47
C ALA B 140 -3.24 1.55 -24.75
N VAL B 141 -2.66 0.94 -25.81
CA VAL B 141 -3.35 0.83 -27.09
C VAL B 141 -4.44 -0.26 -26.98
N ARG B 142 -4.13 -1.33 -26.24
CA ARG B 142 -5.08 -2.41 -26.07
C ARG B 142 -6.34 -1.92 -25.37
N VAL B 143 -6.16 -1.08 -24.34
CA VAL B 143 -7.27 -0.59 -23.53
C VAL B 143 -8.12 0.39 -24.36
N ALA B 144 -7.48 1.27 -25.14
CA ALA B 144 -8.21 2.20 -25.99
C ALA B 144 -9.01 1.48 -27.09
N GLY B 145 -8.49 0.34 -27.58
CA GLY B 145 -9.09 -0.38 -28.69
C GLY B 145 -10.18 -1.36 -28.27
N ASP B 146 -10.20 -1.78 -26.99
CA ASP B 146 -11.17 -2.74 -26.53
C ASP B 146 -12.53 -2.05 -26.40
N LYS B 147 -13.59 -2.81 -26.70
CA LYS B 147 -14.95 -2.31 -26.66
C LYS B 147 -15.41 -2.12 -25.21
N GLN B 148 -14.91 -2.98 -24.31
CA GLN B 148 -15.26 -2.97 -22.89
C GLN B 148 -14.73 -1.71 -22.20
N SER B 149 -13.97 -0.88 -22.91
CA SER B 149 -13.31 0.25 -22.29
C SER B 149 -14.15 1.52 -22.43
N ARG B 150 -15.28 1.42 -23.14
CA ARG B 150 -16.12 2.59 -23.41
C ARG B 150 -16.80 3.05 -22.12
N GLY B 151 -16.86 4.38 -21.96
CA GLY B 151 -17.66 5.02 -20.91
C GLY B 151 -17.09 4.86 -19.51
N ARG B 152 -15.75 4.74 -19.38
CA ARG B 152 -15.12 4.48 -18.09
C ARG B 152 -14.46 5.74 -17.53
N GLY B 153 -14.52 6.82 -18.31
CA GLY B 153 -13.77 8.02 -18.01
C GLY B 153 -12.37 7.92 -18.57
N VAL B 154 -11.66 9.06 -18.52
CA VAL B 154 -10.28 9.10 -18.94
C VAL B 154 -9.47 8.16 -18.05
N MET B 155 -8.60 7.39 -18.70
CA MET B 155 -7.82 6.36 -18.05
C MET B 155 -6.34 6.73 -18.13
N VAL B 156 -5.57 6.29 -17.12
CA VAL B 156 -4.11 6.37 -17.18
C VAL B 156 -3.56 4.96 -17.07
N VAL B 157 -2.76 4.57 -18.06
CA VAL B 157 -2.31 3.19 -18.20
C VAL B 157 -0.79 3.16 -18.16
N ILE B 158 -0.28 2.35 -17.22
CA ILE B 158 1.13 2.22 -16.96
C ILE B 158 1.31 1.07 -15.97
N ASN B 159 2.42 0.34 -16.12
CA ASN B 159 2.81 -0.75 -15.24
C ASN B 159 1.64 -1.73 -15.01
N ASP B 160 1.01 -2.16 -16.10
CA ASP B 160 -0.03 -3.19 -16.08
C ASP B 160 -1.32 -2.74 -15.41
N ARG B 161 -1.49 -1.42 -15.21
CA ARG B 161 -2.58 -0.89 -14.41
C ARG B 161 -3.36 0.15 -15.19
N ILE B 162 -4.68 0.19 -14.94
CA ILE B 162 -5.58 1.20 -15.50
C ILE B 162 -6.14 2.02 -14.35
N GLY B 163 -5.71 3.30 -14.29
CA GLY B 163 -6.13 4.21 -13.24
C GLY B 163 -7.16 5.19 -13.79
N SER B 164 -8.27 5.37 -13.06
CA SER B 164 -9.15 6.49 -13.33
C SER B 164 -8.39 7.80 -13.15
N ALA B 165 -8.68 8.76 -14.03
CA ALA B 165 -8.04 10.06 -14.01
C ALA B 165 -8.42 10.85 -12.75
N ARG B 166 -9.61 10.56 -12.21
CA ARG B 166 -10.11 11.24 -11.02
C ARG B 166 -9.39 10.79 -9.75
N TYR B 167 -8.85 9.56 -9.72
CA TYR B 167 -8.21 9.04 -8.52
C TYR B 167 -6.70 8.85 -8.69
N ILE B 168 -6.22 8.52 -9.89
CA ILE B 168 -4.83 8.07 -10.00
C ILE B 168 -3.90 9.27 -9.74
N THR B 169 -2.72 8.97 -9.20
CA THR B 169 -1.74 9.97 -8.84
C THR B 169 -0.35 9.33 -8.80
N LYS B 170 0.66 10.14 -9.10
CA LYS B 170 2.05 9.76 -8.95
C LYS B 170 2.42 9.92 -7.48
N THR B 171 2.51 8.77 -6.77
CA THR B 171 2.68 8.72 -5.33
C THR B 171 4.16 8.56 -4.95
N ASN B 172 5.00 8.19 -5.93
CA ASN B 172 6.44 8.08 -5.72
C ASN B 172 7.15 8.83 -6.83
N ALA B 173 8.21 9.54 -6.45
CA ALA B 173 8.93 10.41 -7.37
C ALA B 173 9.64 9.61 -8.47
N SER B 174 10.06 8.37 -8.19
CA SER B 174 11.09 7.73 -8.99
C SER B 174 10.76 6.31 -9.47
N THR B 175 9.77 5.62 -8.90
CA THR B 175 9.60 4.19 -9.15
C THR B 175 8.62 3.91 -10.28
N LEU B 176 8.69 2.69 -10.81
CA LEU B 176 7.89 2.24 -11.95
C LEU B 176 6.41 2.13 -11.57
N ASP B 177 6.18 1.80 -10.30
CA ASP B 177 4.86 1.47 -9.79
C ASP B 177 4.25 2.70 -9.12
N THR B 178 4.77 3.89 -9.43
CA THR B 178 4.39 5.12 -8.75
C THR B 178 2.89 5.42 -8.82
N PHE B 179 2.24 5.12 -9.96
CA PHE B 179 0.83 5.45 -10.13
C PHE B 179 -0.02 4.48 -9.34
N ARG B 180 -0.59 4.94 -8.22
CA ARG B 180 -1.53 4.18 -7.44
C ARG B 180 -2.70 5.08 -7.07
N ALA B 181 -3.79 4.44 -6.64
CA ALA B 181 -4.95 5.04 -6.01
C ALA B 181 -5.28 4.23 -4.77
N ASN B 182 -4.66 4.60 -3.64
CA ASN B 182 -4.61 3.71 -2.48
C ASN B 182 -6.00 3.31 -2.01
N GLU B 183 -6.94 4.25 -2.02
CA GLU B 183 -8.26 4.00 -1.43
C GLU B 183 -9.25 3.56 -2.51
N GLU B 184 -9.02 3.97 -3.76
CA GLU B 184 -10.00 3.77 -4.82
C GLU B 184 -9.59 2.65 -5.77
N GLY B 185 -8.34 2.21 -5.69
CA GLY B 185 -7.88 1.09 -6.48
C GLY B 185 -7.77 1.44 -7.96
N TYR B 186 -7.68 0.40 -8.78
CA TYR B 186 -7.57 0.56 -10.22
C TYR B 186 -8.87 0.14 -10.89
N LEU B 187 -9.26 0.85 -11.95
CA LEU B 187 -10.37 0.44 -12.79
C LEU B 187 -10.15 -0.99 -13.28
N GLY B 188 -8.91 -1.32 -13.63
CA GLY B 188 -8.59 -2.61 -14.19
C GLY B 188 -7.09 -2.84 -14.27
N VAL B 189 -6.71 -4.07 -14.61
CA VAL B 189 -5.31 -4.43 -14.79
C VAL B 189 -5.18 -5.17 -16.12
N ILE B 190 -3.99 -5.12 -16.71
CA ILE B 190 -3.69 -5.89 -17.91
C ILE B 190 -2.66 -6.96 -17.54
N ILE B 191 -3.03 -8.24 -17.74
CA ILE B 191 -2.19 -9.37 -17.38
C ILE B 191 -2.37 -10.48 -18.41
N GLY B 192 -1.24 -10.95 -18.96
CA GLY B 192 -1.24 -11.93 -20.03
C GLY B 192 -2.04 -11.48 -21.24
N ASN B 193 -1.86 -10.22 -21.65
CA ASN B 193 -2.48 -9.69 -22.87
C ASN B 193 -4.01 -9.75 -22.79
N ARG B 194 -4.54 -9.80 -21.56
CA ARG B 194 -5.97 -9.73 -21.33
C ARG B 194 -6.28 -8.59 -20.35
N ILE B 195 -7.39 -7.89 -20.57
CA ILE B 195 -7.79 -6.81 -19.68
C ILE B 195 -8.80 -7.36 -18.67
N TYR B 196 -8.58 -7.01 -17.40
CA TYR B 196 -9.47 -7.38 -16.31
C TYR B 196 -10.02 -6.10 -15.68
N TYR B 197 -11.27 -5.78 -16.01
CA TYR B 197 -11.95 -4.64 -15.43
C TYR B 197 -12.52 -5.02 -14.07
N GLN B 198 -12.20 -4.20 -13.06
CA GLN B 198 -12.57 -4.46 -11.68
C GLN B 198 -13.64 -3.50 -11.17
N ASN B 199 -13.59 -2.22 -11.60
CA ASN B 199 -14.41 -1.16 -11.02
C ASN B 199 -14.85 -0.19 -12.11
N ARG B 200 -16.05 0.38 -11.95
CA ARG B 200 -16.44 1.61 -12.62
C ARG B 200 -16.46 2.75 -11.60
N ILE B 201 -15.89 3.90 -11.97
CA ILE B 201 -15.89 5.05 -11.08
C ILE B 201 -17.34 5.51 -10.88
N ASP B 202 -17.68 5.87 -9.64
CA ASP B 202 -19.02 6.31 -9.30
C ASP B 202 -19.05 7.83 -9.18
N LYS B 203 -18.57 8.52 -10.23
CA LYS B 203 -18.59 9.97 -10.31
C LYS B 203 -18.97 10.37 -11.73
N LEU B 204 -19.33 11.66 -11.90
CA LEU B 204 -19.68 12.19 -13.20
C LEU B 204 -18.40 12.44 -14.00
N HIS B 205 -18.48 12.25 -15.33
CA HIS B 205 -17.34 12.44 -16.21
C HIS B 205 -17.79 12.42 -17.67
N THR B 206 -16.89 12.90 -18.55
CA THR B 206 -17.05 12.86 -19.99
C THR B 206 -18.48 13.24 -20.38
N THR B 207 -19.28 12.27 -20.84
CA THR B 207 -20.51 12.58 -21.56
C THR B 207 -21.63 13.01 -20.61
N ARG B 208 -21.44 12.80 -19.29
CA ARG B 208 -22.38 13.28 -18.30
C ARG B 208 -21.80 14.46 -17.52
N SER B 209 -20.82 15.15 -18.10
CA SER B 209 -20.14 16.26 -17.44
C SER B 209 -20.62 17.59 -17.99
N VAL B 210 -20.70 18.62 -17.14
CA VAL B 210 -21.21 19.92 -17.56
C VAL B 210 -20.08 20.84 -18.00
N PHE B 211 -18.82 20.45 -17.79
CA PHE B 211 -17.68 21.32 -18.06
C PHE B 211 -17.32 21.27 -19.54
N ASP B 212 -18.20 21.84 -20.37
CA ASP B 212 -17.92 22.07 -21.77
C ASP B 212 -16.91 23.22 -21.84
N VAL B 213 -15.85 23.06 -22.65
CA VAL B 213 -14.84 24.09 -22.78
C VAL B 213 -14.55 24.34 -24.26
N ARG B 214 -15.47 23.95 -25.13
CA ARG B 214 -15.17 23.88 -26.56
C ARG B 214 -14.92 25.26 -27.16
N GLY B 215 -15.45 26.32 -26.57
CA GLY B 215 -15.21 27.64 -27.13
C GLY B 215 -14.26 28.50 -26.29
N LEU B 216 -13.54 27.88 -25.34
CA LEU B 216 -12.64 28.61 -24.45
C LEU B 216 -11.23 28.70 -25.04
N THR B 217 -10.55 29.80 -24.69
CA THR B 217 -9.13 29.99 -25.00
C THR B 217 -8.33 30.28 -23.73
N SER B 218 -9.02 30.38 -22.60
CA SER B 218 -8.40 30.76 -21.34
C SER B 218 -9.14 30.11 -20.19
N LEU B 219 -8.47 30.07 -19.03
CA LEU B 219 -9.00 29.43 -17.83
C LEU B 219 -8.66 30.28 -16.62
N PRO B 220 -9.52 30.26 -15.57
CA PRO B 220 -9.25 31.02 -14.36
C PRO B 220 -7.91 30.63 -13.74
N LYS B 221 -7.15 31.62 -13.26
CA LYS B 221 -5.96 31.36 -12.46
C LYS B 221 -6.35 30.73 -11.12
N VAL B 222 -5.83 29.52 -10.87
CA VAL B 222 -5.89 28.93 -9.55
C VAL B 222 -4.47 28.58 -9.11
N ASP B 223 -4.16 28.94 -7.86
CA ASP B 223 -2.87 28.62 -7.27
C ASP B 223 -3.07 27.65 -6.10
N ILE B 224 -1.96 27.02 -5.72
CA ILE B 224 -1.94 26.02 -4.66
C ILE B 224 -0.94 26.46 -3.61
N LEU B 225 -1.35 26.46 -2.34
CA LEU B 225 -0.49 26.86 -1.25
C LEU B 225 -0.40 25.71 -0.25
N TYR B 226 0.82 25.46 0.22
CA TYR B 226 1.08 24.34 1.11
C TYR B 226 0.67 24.72 2.52
N GLY B 227 0.26 23.71 3.30
CA GLY B 227 0.06 23.85 4.73
C GLY B 227 1.24 23.25 5.47
N TYR B 228 1.80 24.00 6.43
CA TYR B 228 2.91 23.52 7.23
C TYR B 228 3.04 24.38 8.49
N GLN B 229 3.88 23.91 9.42
CA GLN B 229 4.26 24.70 10.58
C GLN B 229 4.86 26.02 10.09
N ASP B 230 4.41 27.13 10.70
CA ASP B 230 4.91 28.46 10.42
C ASP B 230 4.60 28.88 8.99
N ASP B 231 3.45 28.45 8.46
CA ASP B 231 3.11 28.73 7.08
C ASP B 231 2.74 30.22 6.98
N PRO B 232 3.35 30.98 6.03
CA PRO B 232 3.18 32.43 6.01
C PRO B 232 1.88 32.91 5.36
N GLU B 233 1.28 33.93 5.98
CA GLU B 233 0.09 34.60 5.47
C GLU B 233 0.39 35.25 4.12
N TYR B 234 1.58 35.86 4.02
CA TYR B 234 1.93 36.73 2.91
C TYR B 234 1.84 35.99 1.58
N LEU B 235 1.84 34.65 1.60
CA LEU B 235 1.75 33.89 0.38
C LEU B 235 0.32 33.95 -0.19
N TYR B 236 -0.67 33.97 0.71
CA TYR B 236 -2.05 34.19 0.29
C TYR B 236 -2.13 35.56 -0.37
N ASP B 237 -1.67 36.59 0.34
CA ASP B 237 -1.57 37.95 -0.18
C ASP B 237 -0.99 37.95 -1.59
N ALA B 238 0.14 37.25 -1.77
CA ALA B 238 0.86 37.26 -3.04
C ALA B 238 -0.06 36.76 -4.16
N ALA B 239 -0.78 35.67 -3.88
CA ALA B 239 -1.70 35.06 -4.82
C ALA B 239 -2.85 36.00 -5.14
N ILE B 240 -3.44 36.59 -4.09
CA ILE B 240 -4.52 37.55 -4.25
C ILE B 240 -4.06 38.69 -5.16
N GLN B 241 -2.87 39.22 -4.86
CA GLN B 241 -2.33 40.38 -5.55
C GLN B 241 -2.15 40.07 -7.04
N HIS B 242 -1.99 38.79 -7.38
CA HIS B 242 -1.75 38.41 -8.77
C HIS B 242 -3.04 37.94 -9.43
N GLY B 243 -4.17 38.05 -8.71
CA GLY B 243 -5.49 38.02 -9.31
C GLY B 243 -6.08 36.62 -9.48
N VAL B 244 -5.64 35.67 -8.64
CA VAL B 244 -6.16 34.31 -8.73
C VAL B 244 -7.66 34.34 -8.45
N LYS B 245 -8.39 33.51 -9.21
CA LYS B 245 -9.81 33.33 -9.04
C LYS B 245 -10.06 32.34 -7.90
N GLY B 246 -9.10 31.42 -7.70
CA GLY B 246 -9.20 30.42 -6.63
C GLY B 246 -7.86 30.15 -5.97
N ILE B 247 -7.91 29.54 -4.78
CA ILE B 247 -6.73 29.03 -4.12
C ILE B 247 -7.05 27.62 -3.62
N VAL B 248 -6.20 26.66 -3.99
CA VAL B 248 -6.28 25.32 -3.45
C VAL B 248 -5.26 25.24 -2.32
N TYR B 249 -5.75 24.92 -1.12
CA TYR B 249 -4.93 24.77 0.06
C TYR B 249 -4.49 23.31 0.18
N ALA B 250 -3.22 23.03 -0.14
CA ALA B 250 -2.59 21.75 0.11
C ALA B 250 -2.40 21.60 1.63
N GLY B 251 -3.52 21.31 2.30
CA GLY B 251 -3.66 21.56 3.72
C GLY B 251 -2.96 20.53 4.61
N MET B 252 -2.69 20.97 5.84
CA MET B 252 -2.28 20.09 6.92
C MET B 252 -3.46 19.19 7.24
N GLY B 253 -3.26 17.87 7.23
CA GLY B 253 -4.32 16.95 7.63
C GLY B 253 -5.57 17.12 6.77
N ALA B 254 -6.74 17.24 7.42
CA ALA B 254 -8.00 17.44 6.72
C ALA B 254 -8.23 18.93 6.46
N GLY B 255 -7.28 19.56 5.75
CA GLY B 255 -7.36 20.97 5.42
C GLY B 255 -7.37 21.89 6.65
N SER B 256 -6.69 21.47 7.73
CA SER B 256 -6.51 22.29 8.92
C SER B 256 -5.76 23.57 8.60
N VAL B 257 -6.18 24.69 9.22
CA VAL B 257 -5.62 25.98 8.88
C VAL B 257 -5.08 26.66 10.13
N SER B 258 -3.84 27.17 10.04
CA SER B 258 -3.23 27.96 11.10
C SER B 258 -3.92 29.32 11.17
N VAL B 259 -3.71 30.02 12.29
CA VAL B 259 -4.18 31.40 12.45
C VAL B 259 -3.76 32.21 11.23
N ARG B 260 -2.51 32.02 10.77
CA ARG B 260 -1.97 32.75 9.64
C ARG B 260 -2.74 32.38 8.36
N GLY B 261 -3.05 31.09 8.19
CA GLY B 261 -3.77 30.63 7.02
C GLY B 261 -5.20 31.13 7.00
N ILE B 262 -5.85 31.13 8.18
CA ILE B 262 -7.23 31.60 8.27
C ILE B 262 -7.27 33.09 7.90
N ALA B 263 -6.37 33.88 8.49
CA ALA B 263 -6.23 35.28 8.14
C ALA B 263 -6.16 35.46 6.63
N GLY B 264 -5.19 34.78 5.98
CA GLY B 264 -4.96 34.85 4.55
C GLY B 264 -6.17 34.41 3.71
N MET B 265 -6.93 33.44 4.24
CA MET B 265 -8.05 32.86 3.53
C MET B 265 -9.25 33.80 3.58
N ARG B 266 -9.51 34.38 4.76
CA ARG B 266 -10.66 35.27 4.90
CA ARG B 266 -10.59 35.33 4.99
C ARG B 266 -10.38 36.56 4.11
N LYS B 267 -9.10 36.88 3.90
CA LYS B 267 -8.72 37.98 3.02
C LYS B 267 -9.07 37.62 1.58
N ALA B 268 -8.65 36.42 1.16
CA ALA B 268 -8.91 35.94 -0.18
C ALA B 268 -10.42 35.92 -0.45
N LEU B 269 -11.21 35.55 0.55
CA LEU B 269 -12.66 35.44 0.37
C LEU B 269 -13.27 36.83 0.15
N GLU B 270 -12.84 37.81 0.96
CA GLU B 270 -13.33 39.18 0.84
C GLU B 270 -13.17 39.70 -0.58
N LYS B 271 -12.06 39.37 -1.24
CA LYS B 271 -11.78 39.86 -2.59
C LYS B 271 -12.30 38.90 -3.67
N GLY B 272 -13.25 38.02 -3.29
CA GLY B 272 -14.02 37.25 -4.25
C GLY B 272 -13.33 35.98 -4.75
N VAL B 273 -12.21 35.59 -4.12
CA VAL B 273 -11.52 34.35 -4.45
C VAL B 273 -12.23 33.19 -3.75
N VAL B 274 -12.45 32.10 -4.51
CA VAL B 274 -12.95 30.86 -3.95
C VAL B 274 -11.77 30.08 -3.36
N VAL B 275 -11.82 29.80 -2.06
CA VAL B 275 -10.80 29.01 -1.39
C VAL B 275 -11.23 27.54 -1.34
N MET B 276 -10.31 26.65 -1.72
CA MET B 276 -10.61 25.23 -1.77
C MET B 276 -9.60 24.50 -0.89
N ARG B 277 -10.08 23.91 0.21
CA ARG B 277 -9.24 23.26 1.20
C ARG B 277 -9.10 21.77 0.87
N SER B 278 -7.87 21.40 0.46
CA SER B 278 -7.51 20.02 0.16
C SER B 278 -6.50 19.56 1.21
N THR B 279 -5.65 18.58 0.89
CA THR B 279 -4.68 18.05 1.85
C THR B 279 -3.35 17.71 1.19
N ARG B 280 -2.25 17.91 1.92
CA ARG B 280 -0.92 17.52 1.47
C ARG B 280 -0.66 16.04 1.78
N THR B 281 -1.51 15.42 2.62
CA THR B 281 -1.27 14.08 3.13
C THR B 281 -1.13 13.07 1.99
N GLY B 282 -1.92 13.26 0.92
CA GLY B 282 -1.85 12.44 -0.28
C GLY B 282 -3.11 11.60 -0.53
N ASN B 283 -4.02 11.53 0.44
CA ASN B 283 -5.13 10.59 0.40
C ASN B 283 -6.27 11.03 1.32
N GLY B 284 -7.50 10.68 0.92
CA GLY B 284 -8.62 10.67 1.84
C GLY B 284 -9.51 11.91 1.74
N ILE B 285 -10.58 11.89 2.54
CA ILE B 285 -11.64 12.88 2.53
C ILE B 285 -11.27 14.06 3.43
N VAL B 286 -11.26 15.27 2.84
CA VAL B 286 -11.38 16.50 3.61
C VAL B 286 -12.86 16.78 3.80
N PRO B 287 -13.40 16.66 5.04
CA PRO B 287 -14.85 16.79 5.28
C PRO B 287 -15.27 18.25 5.43
N PRO B 288 -16.59 18.54 5.25
CA PRO B 288 -17.12 19.88 5.51
C PRO B 288 -16.88 20.27 6.97
N ASP B 289 -16.77 21.58 7.22
CA ASP B 289 -16.44 22.09 8.54
C ASP B 289 -16.73 23.59 8.54
N GLU B 290 -17.95 23.95 8.98
CA GLU B 290 -18.44 25.32 8.84
C GLU B 290 -17.76 26.27 9.85
N GLU B 291 -16.91 25.72 10.73
CA GLU B 291 -16.05 26.50 11.61
C GLU B 291 -14.88 27.11 10.85
N LEU B 292 -14.54 26.53 9.69
CA LEU B 292 -13.35 26.88 8.94
C LEU B 292 -13.73 27.55 7.63
N PRO B 293 -12.92 28.51 7.12
CA PRO B 293 -13.22 29.21 5.88
C PRO B 293 -13.08 28.33 4.64
N GLY B 294 -13.76 28.75 3.57
CA GLY B 294 -13.62 28.15 2.25
C GLY B 294 -14.39 26.83 2.12
N LEU B 295 -14.23 26.21 0.95
CA LEU B 295 -14.81 24.91 0.61
C LEU B 295 -13.80 23.80 0.87
N VAL B 296 -14.26 22.55 0.72
CA VAL B 296 -13.45 21.35 0.97
C VAL B 296 -13.44 20.47 -0.29
N SER B 297 -12.44 19.60 -0.37
CA SER B 297 -12.05 19.01 -1.65
C SER B 297 -12.49 17.55 -1.78
N ASP B 298 -13.31 17.04 -0.86
CA ASP B 298 -13.69 15.64 -0.95
C ASP B 298 -12.40 14.83 -0.96
N SER B 299 -12.25 13.89 -1.90
CA SER B 299 -11.06 13.05 -1.96
C SER B 299 -10.08 13.55 -3.01
N LEU B 300 -10.28 14.80 -3.50
CA LEU B 300 -9.42 15.34 -4.53
C LEU B 300 -8.14 15.89 -3.90
N ASN B 301 -7.00 15.38 -4.35
CA ASN B 301 -5.70 15.88 -3.91
C ASN B 301 -5.51 17.27 -4.51
N PRO B 302 -4.51 18.05 -4.03
CA PRO B 302 -4.34 19.43 -4.51
C PRO B 302 -4.33 19.55 -6.02
N ALA B 303 -3.55 18.70 -6.70
CA ALA B 303 -3.37 18.80 -8.15
C ALA B 303 -4.70 18.66 -8.88
N HIS B 304 -5.52 17.69 -8.44
CA HIS B 304 -6.83 17.45 -9.02
C HIS B 304 -7.77 18.59 -8.64
N ALA B 305 -7.74 18.97 -7.36
CA ALA B 305 -8.61 20.03 -6.84
C ALA B 305 -8.46 21.29 -7.69
N ARG B 306 -7.21 21.63 -8.04
CA ARG B 306 -6.97 22.79 -8.88
C ARG B 306 -7.71 22.63 -10.20
N ILE B 307 -7.56 21.47 -10.86
CA ILE B 307 -8.17 21.27 -12.17
C ILE B 307 -9.69 21.45 -12.09
N LEU B 308 -10.34 20.82 -11.11
CA LEU B 308 -11.79 20.89 -11.04
C LEU B 308 -12.23 22.30 -10.66
N LEU B 309 -11.45 22.99 -9.83
CA LEU B 309 -11.81 24.33 -9.40
C LEU B 309 -11.72 25.29 -10.59
N MET B 310 -10.71 25.12 -11.45
CA MET B 310 -10.52 25.94 -12.65
C MET B 310 -11.74 25.79 -13.55
N LEU B 311 -12.19 24.55 -13.74
CA LEU B 311 -13.25 24.25 -14.68
C LEU B 311 -14.60 24.65 -14.11
N ALA B 312 -14.75 24.57 -12.78
CA ALA B 312 -15.97 24.99 -12.12
C ALA B 312 -16.10 26.50 -12.27
N LEU B 313 -14.97 27.19 -12.07
CA LEU B 313 -14.91 28.65 -12.07
C LEU B 313 -15.21 29.21 -13.45
N THR B 314 -15.10 28.38 -14.50
CA THR B 314 -15.54 28.80 -15.83
C THR B 314 -17.06 28.89 -15.93
N ARG B 315 -17.77 28.33 -14.93
CA ARG B 315 -19.21 28.20 -15.02
C ARG B 315 -19.93 28.93 -13.89
N THR B 316 -19.24 29.30 -12.80
CA THR B 316 -19.92 29.80 -11.61
C THR B 316 -18.90 30.34 -10.60
N SER B 317 -19.36 31.25 -9.74
CA SER B 317 -18.58 31.71 -8.60
C SER B 317 -19.29 31.36 -7.29
N ASP B 318 -20.36 30.56 -7.40
CA ASP B 318 -21.25 30.23 -6.29
C ASP B 318 -20.67 29.06 -5.50
N PRO B 319 -20.15 29.28 -4.28
CA PRO B 319 -19.55 28.22 -3.48
C PRO B 319 -20.41 26.95 -3.37
N LYS B 320 -21.72 27.11 -3.20
CA LYS B 320 -22.60 25.97 -3.00
C LYS B 320 -22.61 25.09 -4.26
N VAL B 321 -22.57 25.71 -5.43
CA VAL B 321 -22.48 24.99 -6.69
C VAL B 321 -21.11 24.33 -6.81
N ILE B 322 -20.05 25.09 -6.54
CA ILE B 322 -18.69 24.56 -6.64
C ILE B 322 -18.53 23.39 -5.67
N GLN B 323 -19.08 23.50 -4.46
CA GLN B 323 -18.90 22.43 -3.48
C GLN B 323 -19.50 21.13 -4.02
N GLU B 324 -20.68 21.23 -4.64
CA GLU B 324 -21.41 20.06 -5.12
C GLU B 324 -20.66 19.42 -6.28
N TYR B 325 -20.01 20.24 -7.11
CA TYR B 325 -19.14 19.73 -8.17
C TYR B 325 -18.03 18.88 -7.54
N PHE B 326 -17.57 19.27 -6.35
CA PHE B 326 -16.46 18.60 -5.71
C PHE B 326 -16.90 17.31 -5.02
N HIS B 327 -18.22 17.10 -4.88
CA HIS B 327 -18.75 15.88 -4.30
C HIS B 327 -19.22 14.90 -5.37
N THR B 328 -19.25 15.32 -6.64
CA THR B 328 -19.91 14.54 -7.68
C THR B 328 -19.00 14.25 -8.86
N TYR B 329 -17.89 14.99 -8.98
CA TYR B 329 -16.94 14.81 -10.07
C TYR B 329 -15.61 14.26 -9.53
N ASP C 4 12.80 2.72 41.00
CA ASP C 4 12.39 2.59 39.56
C ASP C 4 12.27 1.11 39.21
N LYS C 5 11.02 0.63 39.09
CA LYS C 5 10.76 -0.75 38.70
C LYS C 5 9.80 -0.73 37.51
N LEU C 6 8.63 -0.11 37.69
CA LEU C 6 7.93 0.51 36.56
C LEU C 6 8.77 1.72 36.16
N PRO C 7 9.01 1.96 34.86
CA PRO C 7 9.81 3.12 34.44
C PRO C 7 9.11 4.45 34.75
N ASN C 8 9.87 5.55 34.67
CA ASN C 8 9.35 6.88 34.92
C ASN C 8 9.14 7.59 33.59
N ILE C 9 7.88 7.97 33.33
CA ILE C 9 7.53 8.59 32.07
C ILE C 9 6.90 9.96 32.32
N VAL C 10 7.43 10.98 31.64
CA VAL C 10 6.82 12.29 31.62
C VAL C 10 5.96 12.39 30.36
N ILE C 11 4.65 12.61 30.54
CA ILE C 11 3.75 12.90 29.43
C ILE C 11 3.63 14.42 29.29
N LEU C 12 4.37 14.97 28.32
CA LEU C 12 4.25 16.35 27.89
C LEU C 12 3.06 16.51 26.95
N ALA C 13 2.09 17.34 27.33
CA ALA C 13 0.98 17.70 26.46
C ALA C 13 1.30 19.01 25.73
N THR C 14 0.99 19.05 24.43
CA THR C 14 1.21 20.24 23.62
C THR C 14 -0.14 20.83 23.21
N GLY C 15 -1.23 20.17 23.62
CA GLY C 15 -2.58 20.57 23.24
C GLY C 15 -3.61 19.92 24.14
N GLY C 16 -4.85 19.81 23.64
CA GLY C 16 -5.94 19.18 24.38
C GLY C 16 -5.67 17.70 24.63
N THR C 17 -6.53 17.10 25.46
CA THR C 17 -6.46 15.67 25.74
C THR C 17 -6.85 14.90 24.48
N ILE C 18 -6.36 13.66 24.36
CA ILE C 18 -6.77 12.73 23.32
C ILE C 18 -7.57 11.59 23.93
N ALA C 19 -7.86 11.67 25.24
CA ALA C 19 -8.64 10.63 25.91
C ALA C 19 -9.57 11.25 26.95
N GLY C 20 -10.85 10.85 26.91
CA GLY C 20 -11.84 11.13 27.96
C GLY C 20 -12.21 12.61 28.10
N SER C 21 -12.69 12.99 29.29
CA SER C 21 -12.95 14.37 29.66
C SER C 21 -13.31 14.46 31.15
N ALA C 35 -9.01 20.65 35.09
CA ALA C 35 -7.54 20.65 35.27
C ALA C 35 -6.86 20.98 33.95
N LEU C 36 -5.54 20.76 33.89
CA LEU C 36 -4.70 21.16 32.77
C LEU C 36 -5.14 20.51 31.46
N GLY C 37 -5.56 19.23 31.52
CA GLY C 37 -5.82 18.45 30.31
C GLY C 37 -4.99 17.17 30.31
N VAL C 38 -3.68 17.33 30.54
CA VAL C 38 -2.79 16.20 30.72
C VAL C 38 -3.21 15.40 31.96
N ASP C 39 -3.92 16.03 32.90
CA ASP C 39 -4.48 15.31 34.03
C ASP C 39 -5.76 14.57 33.62
N THR C 40 -6.59 15.20 32.77
CA THR C 40 -7.78 14.54 32.26
C THR C 40 -7.39 13.29 31.47
N LEU C 41 -6.34 13.43 30.65
CA LEU C 41 -5.78 12.34 29.86
C LEU C 41 -5.49 11.15 30.75
N ILE C 42 -4.68 11.39 31.79
CA ILE C 42 -4.18 10.34 32.66
C ILE C 42 -5.33 9.76 33.50
N ASN C 43 -6.28 10.60 33.90
CA ASN C 43 -7.46 10.12 34.61
C ASN C 43 -8.24 9.16 33.71
N ALA C 44 -8.50 9.61 32.48
CA ALA C 44 -9.37 8.91 31.54
C ALA C 44 -8.84 7.51 31.23
N VAL C 45 -7.50 7.38 31.19
CA VAL C 45 -6.85 6.13 30.85
C VAL C 45 -6.01 5.68 32.04
N PRO C 46 -6.65 5.15 33.12
CA PRO C 46 -5.92 4.74 34.32
C PRO C 46 -4.92 3.58 34.16
N GLU C 47 -5.00 2.84 33.04
CA GLU C 47 -4.22 1.63 32.86
C GLU C 47 -2.74 1.95 32.60
N VAL C 48 -2.42 3.22 32.30
CA VAL C 48 -1.03 3.60 32.08
C VAL C 48 -0.25 3.50 33.40
N LYS C 49 -0.98 3.60 34.53
CA LYS C 49 -0.41 3.44 35.85
C LYS C 49 0.36 2.13 35.92
N LYS C 50 -0.25 1.05 35.40
CA LYS C 50 0.33 -0.29 35.44
C LYS C 50 1.52 -0.43 34.49
N LEU C 51 1.67 0.49 33.53
CA LEU C 51 2.76 0.42 32.56
C LEU C 51 3.95 1.26 33.01
N ALA C 52 3.70 2.42 33.63
CA ALA C 52 4.79 3.28 34.07
C ALA C 52 4.34 4.23 35.18
N ASN C 53 5.32 4.74 35.94
CA ASN C 53 5.13 5.86 36.83
C ASN C 53 5.08 7.12 35.99
N VAL C 54 3.89 7.70 35.83
CA VAL C 54 3.70 8.79 34.88
C VAL C 54 3.50 10.11 35.63
N LYS C 55 4.14 11.17 35.12
CA LYS C 55 3.91 12.52 35.60
C LYS C 55 3.57 13.42 34.42
N GLY C 56 2.44 14.13 34.54
CA GLY C 56 1.97 15.01 33.49
C GLY C 56 2.69 16.36 33.52
N GLU C 57 2.84 16.96 32.34
CA GLU C 57 3.25 18.35 32.20
C GLU C 57 2.53 18.92 30.97
N GLN C 58 1.80 20.04 31.19
CA GLN C 58 1.10 20.71 30.11
C GLN C 58 2.04 21.77 29.52
N PHE C 59 2.94 21.28 28.67
CA PHE C 59 3.98 22.10 28.05
C PHE C 59 3.35 23.29 27.33
N SER C 60 2.35 23.01 26.47
CA SER C 60 1.59 24.06 25.80
C SER C 60 0.15 23.58 25.59
N ASN C 61 -0.70 24.48 25.08
CA ASN C 61 -2.05 24.12 24.65
C ASN C 61 -2.37 24.83 23.34
N MET C 62 -2.11 24.13 22.22
CA MET C 62 -2.51 24.60 20.89
C MET C 62 -2.82 23.40 20.01
N ALA C 63 -3.56 23.66 18.93
CA ALA C 63 -3.83 22.68 17.89
C ALA C 63 -2.61 22.61 16.98
N SER C 64 -2.31 21.41 16.46
CA SER C 64 -1.01 21.15 15.85
C SER C 64 -0.79 22.00 14.60
N GLU C 65 -1.86 22.47 13.96
CA GLU C 65 -1.73 23.32 12.78
C GLU C 65 -1.13 24.67 13.19
N ASN C 66 -1.25 25.04 14.47
CA ASN C 66 -0.71 26.27 15.01
C ASN C 66 0.63 26.06 15.71
N MET C 67 1.17 24.84 15.68
CA MET C 67 2.47 24.58 16.28
C MET C 67 3.51 25.28 15.42
N THR C 68 4.58 25.79 16.07
CA THR C 68 5.48 26.75 15.48
C THR C 68 6.92 26.43 15.84
N GLY C 69 7.84 26.71 14.91
CA GLY C 69 9.26 26.42 15.07
C GLY C 69 9.78 26.86 16.44
N ASP C 70 9.43 28.10 16.82
CA ASP C 70 9.81 28.69 18.10
C ASP C 70 9.39 27.77 19.26
N VAL C 71 8.19 27.18 19.19
CA VAL C 71 7.68 26.35 20.27
C VAL C 71 8.31 24.96 20.23
N VAL C 72 8.44 24.39 19.03
CA VAL C 72 9.09 23.09 18.85
C VAL C 72 10.48 23.19 19.45
N LEU C 73 11.14 24.33 19.25
CA LEU C 73 12.46 24.62 19.81
C LEU C 73 12.42 24.57 21.34
N LYS C 74 11.41 25.21 21.94
CA LYS C 74 11.19 25.15 23.39
C LYS C 74 10.92 23.70 23.82
N LEU C 75 10.27 22.92 22.96
CA LEU C 75 9.92 21.54 23.27
C LEU C 75 11.18 20.66 23.18
N SER C 76 12.04 20.95 22.21
CA SER C 76 13.29 20.22 22.08
C SER C 76 14.15 20.48 23.31
N GLN C 77 14.13 21.73 23.77
CA GLN C 77 14.88 22.13 24.96
C GLN C 77 14.29 21.43 26.19
N ARG C 78 12.98 21.50 26.34
CA ARG C 78 12.34 20.90 27.50
C ARG C 78 12.66 19.41 27.56
N VAL C 79 12.57 18.73 26.42
CA VAL C 79 12.71 17.29 26.36
C VAL C 79 14.17 16.91 26.69
N ASN C 80 15.13 17.67 26.14
CA ASN C 80 16.53 17.47 26.49
C ASN C 80 16.71 17.61 28.01
N GLU C 81 16.07 18.63 28.62
CA GLU C 81 16.20 18.86 30.04
C GLU C 81 15.73 17.63 30.81
N LEU C 82 14.55 17.12 30.43
CA LEU C 82 13.91 15.99 31.09
C LEU C 82 14.76 14.71 30.98
N LEU C 83 15.41 14.51 29.83
CA LEU C 83 16.11 13.26 29.54
C LEU C 83 17.52 13.30 30.14
N ALA C 84 17.92 14.46 30.67
CA ALA C 84 19.18 14.59 31.38
C ALA C 84 19.03 14.06 32.81
N ARG C 85 17.81 14.15 33.36
CA ARG C 85 17.53 13.69 34.71
C ARG C 85 17.56 12.17 34.75
N ASP C 86 17.95 11.62 35.90
CA ASP C 86 18.09 10.18 36.07
C ASP C 86 16.74 9.56 36.44
N ASP C 87 15.82 10.39 36.94
CA ASP C 87 14.51 9.91 37.39
C ASP C 87 13.47 9.99 36.26
N VAL C 88 13.96 10.13 35.00
CA VAL C 88 13.12 10.07 33.82
C VAL C 88 13.76 9.10 32.81
N ASP C 89 13.03 8.02 32.50
CA ASP C 89 13.51 7.01 31.56
C ASP C 89 13.11 7.39 30.13
N GLY C 90 11.89 7.91 29.96
CA GLY C 90 11.44 8.36 28.65
C GLY C 90 10.33 9.40 28.72
N VAL C 91 10.01 9.98 27.55
CA VAL C 91 9.03 11.04 27.43
C VAL C 91 8.01 10.64 26.36
N VAL C 92 6.73 10.87 26.67
CA VAL C 92 5.64 10.74 25.73
C VAL C 92 5.01 12.10 25.52
N ILE C 93 5.05 12.60 24.27
CA ILE C 93 4.50 13.89 23.94
C ILE C 93 3.15 13.72 23.24
N THR C 94 2.07 14.25 23.81
CA THR C 94 0.79 14.27 23.11
C THR C 94 0.75 15.47 22.17
N HIS C 95 0.40 15.21 20.91
CA HIS C 95 0.51 16.18 19.83
C HIS C 95 -0.65 15.93 18.85
N GLY C 96 -1.06 16.98 18.14
CA GLY C 96 -2.04 16.81 17.08
C GLY C 96 -1.43 16.04 15.91
N THR C 97 -2.30 15.38 15.14
CA THR C 97 -1.84 14.49 14.07
C THR C 97 -1.27 15.28 12.90
N ASP C 98 -1.73 16.52 12.70
CA ASP C 98 -1.52 17.23 11.45
C ASP C 98 -0.04 17.56 11.25
N THR C 99 0.69 17.92 12.31
CA THR C 99 2.08 18.31 12.16
C THR C 99 3.00 17.50 13.07
N VAL C 100 2.47 16.44 13.71
CA VAL C 100 3.28 15.63 14.60
C VAL C 100 4.55 15.19 13.88
N GLU C 101 4.47 14.96 12.56
CA GLU C 101 5.61 14.46 11.80
C GLU C 101 6.71 15.53 11.74
N GLU C 102 6.30 16.80 11.69
CA GLU C 102 7.24 17.92 11.67
C GLU C 102 7.91 18.09 13.03
N SER C 103 7.11 18.27 14.09
CA SER C 103 7.63 18.29 15.46
C SER C 103 8.58 17.10 15.67
N ALA C 104 8.07 15.89 15.39
CA ALA C 104 8.80 14.66 15.66
C ALA C 104 10.17 14.65 15.00
N TYR C 105 10.23 15.02 13.71
CA TYR C 105 11.49 14.99 12.97
C TYR C 105 12.46 16.03 13.52
N PHE C 106 11.94 17.14 14.06
CA PHE C 106 12.75 18.18 14.64
C PHE C 106 13.47 17.65 15.88
N LEU C 107 12.70 17.11 16.83
CA LEU C 107 13.25 16.47 18.02
C LEU C 107 14.07 15.23 17.64
N HIS C 108 13.80 14.64 16.46
CA HIS C 108 14.54 13.50 15.94
C HIS C 108 16.00 13.88 15.76
N LEU C 109 16.22 15.12 15.30
CA LEU C 109 17.54 15.60 14.94
C LEU C 109 18.24 16.33 16.09
N THR C 110 17.50 16.72 17.14
CA THR C 110 18.02 17.69 18.09
C THR C 110 18.06 17.16 19.53
N VAL C 111 17.44 16.01 19.81
CA VAL C 111 17.43 15.45 21.15
C VAL C 111 18.70 14.64 21.34
N LYS C 112 19.55 15.08 22.27
CA LYS C 112 20.83 14.44 22.53
C LYS C 112 20.67 13.38 23.61
N SER C 113 19.83 12.36 23.33
CA SER C 113 19.60 11.26 24.26
C SER C 113 19.12 10.04 23.48
N ASP C 114 19.49 8.86 23.97
CA ASP C 114 19.00 7.59 23.46
C ASP C 114 17.69 7.23 24.13
N LYS C 115 17.43 7.83 25.30
CA LYS C 115 16.19 7.61 26.03
C LYS C 115 15.03 7.82 25.04
N PRO C 116 13.97 6.98 25.12
CA PRO C 116 12.88 7.04 24.13
C PRO C 116 12.06 8.34 24.15
N VAL C 117 11.85 8.92 22.97
CA VAL C 117 10.96 10.06 22.81
C VAL C 117 9.81 9.68 21.88
N VAL C 118 8.61 9.51 22.46
CA VAL C 118 7.46 8.95 21.77
C VAL C 118 6.41 10.04 21.57
N PHE C 119 6.21 10.46 20.33
CA PHE C 119 5.05 11.27 20.00
C PHE C 119 3.82 10.37 19.87
N VAL C 120 2.68 10.85 20.37
CA VAL C 120 1.41 10.15 20.26
C VAL C 120 0.35 11.17 19.86
N ALA C 121 -0.68 10.69 19.16
CA ALA C 121 -1.77 11.54 18.67
C ALA C 121 -3.05 10.71 18.57
N ALA C 122 -4.14 11.36 18.16
CA ALA C 122 -5.40 10.65 17.92
C ALA C 122 -6.09 11.25 16.71
N MET C 123 -6.69 10.37 15.89
CA MET C 123 -7.37 10.79 14.67
C MET C 123 -8.86 11.00 14.94
N ARG C 124 -9.32 10.60 16.12
CA ARG C 124 -10.70 10.86 16.51
C ARG C 124 -10.69 11.65 17.82
N PRO C 125 -11.64 12.59 18.03
CA PRO C 125 -11.70 13.35 19.28
C PRO C 125 -12.03 12.41 20.43
N ALA C 126 -11.59 12.77 21.63
CA ALA C 126 -11.61 11.88 22.78
C ALA C 126 -13.05 11.52 23.20
N THR C 127 -14.00 12.36 22.78
CA THR C 127 -15.41 12.16 23.06
C THR C 127 -16.09 11.31 21.98
N ALA C 128 -15.39 11.10 20.85
CA ALA C 128 -15.96 10.36 19.73
C ALA C 128 -16.10 8.89 20.10
N ILE C 129 -17.04 8.22 19.43
CA ILE C 129 -17.26 6.79 19.56
C ILE C 129 -16.05 6.07 18.99
N SER C 130 -15.56 5.08 19.73
CA SER C 130 -14.40 4.28 19.35
C SER C 130 -13.16 5.16 19.17
N ALA C 131 -12.92 6.03 20.16
CA ALA C 131 -11.79 6.94 20.14
C ALA C 131 -10.49 6.14 20.19
N ASP C 132 -9.50 6.57 19.41
CA ASP C 132 -8.28 5.81 19.26
C ASP C 132 -7.25 6.24 20.30
N GLY C 133 -7.39 7.48 20.82
CA GLY C 133 -6.39 8.06 21.71
C GLY C 133 -6.05 7.20 22.92
N PRO C 134 -7.06 6.68 23.68
CA PRO C 134 -6.76 5.89 24.87
C PRO C 134 -5.73 4.77 24.62
N MET C 135 -6.01 3.90 23.65
CA MET C 135 -5.14 2.79 23.33
C MET C 135 -3.86 3.32 22.67
N ASN C 136 -3.97 4.45 21.96
CA ASN C 136 -2.77 5.07 21.40
C ASN C 136 -1.83 5.45 22.55
N LEU C 137 -2.39 6.05 23.61
CA LEU C 137 -1.59 6.49 24.74
C LEU C 137 -0.90 5.29 25.40
N LEU C 138 -1.67 4.21 25.61
CA LEU C 138 -1.19 2.99 26.23
C LEU C 138 0.00 2.42 25.46
N GLU C 139 -0.15 2.31 24.13
CA GLU C 139 0.93 1.82 23.28
C GLU C 139 2.13 2.75 23.38
N ALA C 140 1.88 4.06 23.38
CA ALA C 140 2.95 5.06 23.42
C ALA C 140 3.73 4.91 24.73
N VAL C 141 3.00 4.82 25.85
CA VAL C 141 3.66 4.70 27.14
C VAL C 141 4.48 3.41 27.16
N ARG C 142 3.88 2.30 26.71
CA ARG C 142 4.55 1.01 26.71
C ARG C 142 5.86 1.09 25.91
N VAL C 143 5.83 1.84 24.79
CA VAL C 143 7.02 1.94 23.94
C VAL C 143 8.07 2.76 24.67
N ALA C 144 7.68 3.85 25.34
CA ALA C 144 8.62 4.72 26.03
C ALA C 144 9.27 4.01 27.21
N GLY C 145 8.48 3.20 27.93
CA GLY C 145 8.92 2.54 29.14
C GLY C 145 9.85 1.35 28.89
N ASP C 146 9.67 0.68 27.74
CA ASP C 146 10.38 -0.55 27.41
C ASP C 146 11.83 -0.23 27.06
N LYS C 147 12.78 -1.04 27.54
CA LYS C 147 14.20 -0.70 27.43
C LYS C 147 14.78 -1.15 26.09
N GLN C 148 13.99 -1.86 25.26
CA GLN C 148 14.41 -2.19 23.92
C GLN C 148 14.23 -1.00 22.99
N SER C 149 13.61 0.08 23.49
CA SER C 149 13.19 1.22 22.67
C SER C 149 14.29 2.28 22.59
N ARG C 150 15.41 2.04 23.30
CA ARG C 150 16.51 2.99 23.35
C ARG C 150 17.26 3.00 22.02
N GLY C 151 17.66 4.21 21.60
CA GLY C 151 18.59 4.42 20.50
C GLY C 151 17.95 4.26 19.12
N ARG C 152 16.62 4.36 19.04
CA ARG C 152 15.91 4.10 17.81
C ARG C 152 15.52 5.41 17.11
N GLY C 153 15.88 6.54 17.72
CA GLY C 153 15.44 7.84 17.25
C GLY C 153 14.09 8.22 17.84
N VAL C 154 13.57 9.38 17.44
CA VAL C 154 12.25 9.79 17.88
C VAL C 154 11.23 8.91 17.14
N MET C 155 10.16 8.56 17.85
CA MET C 155 9.16 7.62 17.36
C MET C 155 7.78 8.29 17.40
N VAL C 156 6.90 7.82 16.52
CA VAL C 156 5.50 8.22 16.50
C VAL C 156 4.67 6.96 16.65
N VAL C 157 3.75 6.95 17.62
CA VAL C 157 3.03 5.74 17.94
C VAL C 157 1.53 6.03 17.89
N ILE C 158 0.82 5.14 17.18
CA ILE C 158 -0.60 5.31 16.85
C ILE C 158 -1.07 4.09 16.05
N ASN C 159 -2.27 3.61 16.37
CA ASN C 159 -2.89 2.55 15.60
C ASN C 159 -1.95 1.35 15.53
N ASP C 160 -1.45 0.91 16.69
CA ASP C 160 -0.68 -0.32 16.82
C ASP C 160 0.66 -0.24 16.11
N ARG C 161 1.09 0.95 15.66
CA ARG C 161 2.27 1.08 14.81
C ARG C 161 3.26 2.06 15.45
N ILE C 162 4.54 1.82 15.17
CA ILE C 162 5.63 2.66 15.64
C ILE C 162 6.35 3.15 14.40
N GLY C 163 6.20 4.44 14.09
CA GLY C 163 6.89 5.04 12.96
C GLY C 163 8.16 5.77 13.41
N SER C 164 9.15 5.83 12.52
CA SER C 164 10.30 6.71 12.73
C SER C 164 9.93 8.12 12.28
N ALA C 165 10.27 9.11 13.11
CA ALA C 165 10.02 10.50 12.78
C ALA C 165 10.49 10.84 11.37
N ARG C 166 11.62 10.26 10.94
CA ARG C 166 12.25 10.60 9.66
C ARG C 166 11.46 10.04 8.48
N TYR C 167 10.70 8.96 8.71
CA TYR C 167 10.01 8.29 7.64
C TYR C 167 8.49 8.47 7.76
N ILE C 168 7.94 8.30 8.97
CA ILE C 168 6.49 8.29 9.13
C ILE C 168 5.91 9.63 8.68
N THR C 169 4.73 9.56 8.06
CA THR C 169 4.00 10.74 7.64
C THR C 169 2.51 10.45 7.65
N LYS C 170 1.72 11.51 7.80
CA LYS C 170 0.28 11.39 7.78
C LYS C 170 -0.14 11.33 6.31
N THR C 171 -0.61 10.15 5.86
CA THR C 171 -0.80 9.93 4.43
C THR C 171 -2.25 10.20 4.03
N ASN C 172 -3.13 10.24 5.03
CA ASN C 172 -4.57 10.29 4.82
C ASN C 172 -5.16 11.36 5.73
N ALA C 173 -6.03 12.18 5.14
CA ALA C 173 -6.71 13.28 5.82
C ALA C 173 -7.35 12.84 7.13
N SER C 174 -8.08 11.71 7.13
CA SER C 174 -9.16 11.52 8.10
C SER C 174 -9.25 10.10 8.68
N THR C 175 -8.27 9.22 8.42
CA THR C 175 -8.41 7.82 8.80
C THR C 175 -7.48 7.46 9.96
N LEU C 176 -7.89 6.45 10.75
CA LEU C 176 -7.10 5.97 11.89
C LEU C 176 -5.72 5.49 11.44
N ASP C 177 -5.64 4.89 10.24
CA ASP C 177 -4.45 4.20 9.75
C ASP C 177 -3.58 5.15 8.93
N THR C 178 -3.83 6.46 9.03
CA THR C 178 -3.22 7.46 8.17
C THR C 178 -1.70 7.44 8.24
N PHE C 179 -1.11 7.06 9.37
CA PHE C 179 0.33 7.21 9.54
C PHE C 179 1.04 6.01 8.92
N ARG C 180 1.82 6.26 7.86
CA ARG C 180 2.45 5.19 7.10
C ARG C 180 3.76 5.69 6.48
N ALA C 181 4.71 4.76 6.36
CA ALA C 181 5.90 4.94 5.54
C ALA C 181 5.93 3.82 4.50
N ASN C 182 5.28 4.08 3.36
CA ASN C 182 5.03 3.03 2.38
C ASN C 182 6.32 2.30 2.01
N GLU C 183 7.40 3.04 1.76
CA GLU C 183 8.63 2.42 1.31
C GLU C 183 9.45 1.92 2.50
N GLU C 184 9.40 2.63 3.64
CA GLU C 184 10.32 2.35 4.74
C GLU C 184 9.69 1.45 5.80
N GLY C 185 8.36 1.38 5.82
CA GLY C 185 7.65 0.57 6.79
C GLY C 185 7.76 1.14 8.21
N TYR C 186 7.33 0.33 9.18
CA TYR C 186 7.31 0.71 10.58
C TYR C 186 8.55 0.16 11.28
N LEU C 187 9.10 0.94 12.22
CA LEU C 187 10.12 0.44 13.12
C LEU C 187 9.59 -0.80 13.83
N GLY C 188 8.30 -0.80 14.18
CA GLY C 188 7.71 -1.92 14.90
C GLY C 188 6.21 -1.75 15.16
N VAL C 189 5.61 -2.77 15.76
CA VAL C 189 4.17 -2.83 15.94
C VAL C 189 3.88 -3.27 17.38
N ILE C 190 2.74 -2.84 17.91
CA ILE C 190 2.33 -3.25 19.24
C ILE C 190 1.02 -4.02 19.13
N ILE C 191 1.15 -5.36 19.23
CA ILE C 191 0.01 -6.27 19.12
C ILE C 191 0.02 -7.16 20.35
N GLY C 192 -1.18 -7.42 20.90
CA GLY C 192 -1.33 -8.25 22.09
C GLY C 192 -0.46 -7.76 23.26
N ASN C 193 -0.55 -6.46 23.55
CA ASN C 193 0.14 -5.88 24.70
C ASN C 193 1.63 -6.20 24.64
N ARG C 194 2.23 -6.18 23.45
CA ARG C 194 3.62 -6.54 23.26
C ARG C 194 4.23 -5.88 22.02
N ILE C 195 5.51 -5.53 22.11
CA ILE C 195 6.20 -4.76 21.09
C ILE C 195 7.07 -5.69 20.23
N TYR C 196 6.95 -5.50 18.91
CA TYR C 196 7.77 -6.21 17.94
C TYR C 196 8.56 -5.18 17.14
N TYR C 197 9.86 -5.07 17.40
CA TYR C 197 10.71 -4.17 16.62
C TYR C 197 11.19 -4.92 15.38
N GLN C 198 11.08 -4.24 14.23
CA GLN C 198 11.29 -4.83 12.92
C GLN C 198 12.53 -4.23 12.27
N ASN C 199 12.67 -2.90 12.41
CA ASN C 199 13.72 -2.17 11.76
C ASN C 199 14.43 -1.25 12.76
N ARG C 200 15.69 -0.97 12.44
CA ARG C 200 16.37 0.20 12.95
C ARG C 200 16.65 1.08 11.75
N ILE C 201 16.23 2.36 11.82
CA ILE C 201 16.52 3.30 10.75
C ILE C 201 18.03 3.36 10.56
N ASP C 202 18.45 3.43 9.30
CA ASP C 202 19.87 3.48 8.93
C ASP C 202 20.21 4.93 8.58
N LYS C 203 19.96 5.83 9.53
CA LYS C 203 20.27 7.25 9.39
C LYS C 203 20.80 7.76 10.73
N LEU C 204 21.51 8.90 10.70
CA LEU C 204 21.93 9.57 11.91
C LEU C 204 20.72 10.25 12.55
N HIS C 205 20.77 10.34 13.89
CA HIS C 205 19.68 10.91 14.67
C HIS C 205 20.09 10.97 16.15
N THR C 206 19.42 11.87 16.88
CA THR C 206 19.54 11.97 18.33
C THR C 206 21.02 12.15 18.70
N THR C 207 21.60 11.17 19.41
CA THR C 207 22.93 11.32 20.00
C THR C 207 24.02 11.39 18.94
N ARG C 208 23.78 10.82 17.76
CA ARG C 208 24.73 10.88 16.67
C ARG C 208 24.52 12.10 15.78
N SER C 209 23.52 12.94 16.08
CA SER C 209 23.22 14.12 15.26
C SER C 209 24.14 15.29 15.62
N VAL C 210 24.41 16.18 14.66
CA VAL C 210 25.29 17.32 14.88
C VAL C 210 24.48 18.55 15.27
N PHE C 211 23.14 18.48 15.16
CA PHE C 211 22.31 19.65 15.38
C PHE C 211 22.00 19.78 16.85
N ASP C 212 22.60 20.78 17.50
CA ASP C 212 22.23 21.17 18.84
C ASP C 212 21.68 22.59 18.77
N VAL C 213 20.49 22.79 19.33
CA VAL C 213 19.84 24.09 19.28
C VAL C 213 19.38 24.50 20.67
N ARG C 214 20.14 24.10 21.70
CA ARG C 214 19.89 24.51 23.07
C ARG C 214 20.33 25.97 23.25
N GLY C 215 21.19 26.47 22.35
CA GLY C 215 21.53 27.88 22.33
C GLY C 215 20.37 28.77 21.91
N LEU C 216 19.61 28.33 20.89
CA LEU C 216 18.83 29.24 20.06
C LEU C 216 17.47 29.56 20.68
N THR C 217 16.93 30.72 20.27
CA THR C 217 15.57 31.12 20.60
C THR C 217 14.76 31.31 19.32
N SER C 218 15.41 31.22 18.15
CA SER C 218 14.74 31.36 16.87
C SER C 218 15.48 30.60 15.77
N LEU C 219 14.73 30.26 14.71
CA LEU C 219 15.21 29.40 13.63
C LEU C 219 15.10 30.15 12.32
N PRO C 220 15.94 29.83 11.30
CA PRO C 220 15.77 30.40 9.96
C PRO C 220 14.37 30.20 9.39
N LYS C 221 13.94 31.15 8.55
CA LYS C 221 12.65 31.08 7.87
C LYS C 221 12.82 30.21 6.63
N VAL C 222 11.98 29.17 6.54
CA VAL C 222 11.94 28.30 5.38
C VAL C 222 10.48 28.10 4.96
N ASP C 223 10.23 28.26 3.66
CA ASP C 223 8.88 28.14 3.13
C ASP C 223 8.85 27.04 2.06
N ILE C 224 7.65 26.47 1.89
CA ILE C 224 7.43 25.38 0.95
C ILE C 224 6.53 25.87 -0.17
N LEU C 225 7.01 25.71 -1.40
CA LEU C 225 6.25 26.08 -2.57
C LEU C 225 5.92 24.83 -3.38
N TYR C 226 4.65 24.75 -3.80
CA TYR C 226 4.14 23.56 -4.45
C TYR C 226 4.53 23.56 -5.93
N GLY C 227 4.58 22.35 -6.51
CA GLY C 227 4.81 22.20 -7.93
C GLY C 227 3.55 21.67 -8.62
N TYR C 228 3.19 22.30 -9.75
CA TYR C 228 1.98 21.97 -10.49
C TYR C 228 1.97 22.71 -11.83
N GLN C 229 1.07 22.29 -12.73
CA GLN C 229 0.94 22.97 -14.02
C GLN C 229 0.61 24.44 -13.75
N ASP C 230 1.24 25.32 -14.55
CA ASP C 230 1.06 26.76 -14.46
C ASP C 230 1.53 27.32 -13.12
N ASP C 231 2.49 26.66 -12.44
CA ASP C 231 2.91 27.12 -11.12
C ASP C 231 3.55 28.50 -11.29
N PRO C 232 3.15 29.50 -10.48
CA PRO C 232 3.65 30.87 -10.62
C PRO C 232 5.05 31.17 -10.08
N GLU C 233 5.80 31.97 -10.85
CA GLU C 233 7.11 32.47 -10.47
C GLU C 233 7.00 33.40 -9.27
N TYR C 234 5.89 34.15 -9.20
CA TYR C 234 5.77 35.26 -8.28
C TYR C 234 5.82 34.82 -6.81
N LEU C 235 5.46 33.57 -6.53
CA LEU C 235 5.50 33.06 -5.16
C LEU C 235 6.95 32.89 -4.70
N TYR C 236 7.88 32.74 -5.66
CA TYR C 236 9.30 32.68 -5.32
C TYR C 236 9.78 34.06 -4.88
N ASP C 237 9.43 35.10 -5.67
CA ASP C 237 9.75 36.48 -5.34
C ASP C 237 9.23 36.82 -3.94
N ALA C 238 7.92 36.61 -3.74
CA ALA C 238 7.31 36.91 -2.45
C ALA C 238 8.17 36.33 -1.33
N ALA C 239 8.53 35.05 -1.46
CA ALA C 239 9.25 34.35 -0.41
C ALA C 239 10.65 34.94 -0.22
N ILE C 240 11.34 35.25 -1.32
CA ILE C 240 12.62 35.92 -1.25
C ILE C 240 12.45 37.22 -0.46
N GLN C 241 11.46 38.02 -0.84
CA GLN C 241 11.31 39.38 -0.34
C GLN C 241 10.96 39.41 1.16
N HIS C 242 10.36 38.34 1.67
CA HIS C 242 10.08 38.24 3.10
C HIS C 242 11.28 37.59 3.80
N GLY C 243 12.38 37.40 3.07
CA GLY C 243 13.68 37.15 3.66
C GLY C 243 13.87 35.72 4.17
N VAL C 244 13.36 34.74 3.41
CA VAL C 244 13.55 33.33 3.75
C VAL C 244 15.01 32.98 3.45
N LYS C 245 15.56 32.04 4.25
CA LYS C 245 16.91 31.53 4.03
C LYS C 245 16.86 30.22 3.25
N GLY C 246 15.69 29.57 3.25
CA GLY C 246 15.48 28.35 2.49
C GLY C 246 14.08 28.28 1.89
N ILE C 247 14.02 27.87 0.62
CA ILE C 247 12.78 27.44 -0.01
C ILE C 247 12.84 25.93 -0.25
N VAL C 248 11.82 25.22 0.25
CA VAL C 248 11.57 23.84 -0.10
C VAL C 248 10.53 23.82 -1.23
N TYR C 249 10.79 23.00 -2.25
CA TYR C 249 9.91 22.88 -3.40
C TYR C 249 9.23 21.51 -3.37
N ALA C 250 7.93 21.50 -3.03
CA ALA C 250 7.14 20.28 -3.06
C ALA C 250 6.79 19.98 -4.52
N GLY C 251 7.76 19.40 -5.22
CA GLY C 251 7.84 19.51 -6.66
C GLY C 251 7.05 18.45 -7.40
N MET C 252 6.82 18.72 -8.68
CA MET C 252 6.22 17.78 -9.60
C MET C 252 7.16 16.60 -9.78
N GLY C 253 6.61 15.38 -9.66
CA GLY C 253 7.38 14.17 -9.83
C GLY C 253 8.65 14.18 -8.98
N ALA C 254 9.80 13.98 -9.63
CA ALA C 254 11.07 13.88 -8.91
C ALA C 254 11.71 15.25 -8.78
N GLY C 255 10.97 16.22 -8.21
CA GLY C 255 11.45 17.59 -8.07
C GLY C 255 11.67 18.32 -9.39
N SER C 256 10.95 17.91 -10.46
CA SER C 256 10.98 18.56 -11.76
C SER C 256 10.53 20.00 -11.64
N VAL C 257 11.07 20.88 -12.49
CA VAL C 257 10.82 22.31 -12.36
C VAL C 257 10.40 22.89 -13.71
N SER C 258 9.30 23.67 -13.70
CA SER C 258 8.85 24.38 -14.87
C SER C 258 9.81 25.54 -15.19
N VAL C 259 9.63 26.15 -16.37
CA VAL C 259 10.45 27.31 -16.74
C VAL C 259 10.28 28.40 -15.68
N ARG C 260 9.04 28.55 -15.19
CA ARG C 260 8.70 29.57 -14.21
C ARG C 260 9.39 29.28 -12.88
N GLY C 261 9.37 28.00 -12.45
CA GLY C 261 9.98 27.60 -11.20
C GLY C 261 11.50 27.72 -11.26
N ILE C 262 12.10 27.35 -12.40
CA ILE C 262 13.53 27.48 -12.56
C ILE C 262 13.90 28.95 -12.36
N ALA C 263 13.15 29.83 -13.04
CA ALA C 263 13.37 31.26 -12.98
C ALA C 263 13.35 31.73 -11.52
N GLY C 264 12.35 31.28 -10.75
CA GLY C 264 12.22 31.64 -9.35
C GLY C 264 13.38 31.11 -8.51
N MET C 265 13.92 29.96 -8.91
CA MET C 265 15.00 29.32 -8.19
C MET C 265 16.33 30.00 -8.54
N ARG C 266 16.50 30.40 -9.80
CA ARG C 266 17.64 31.20 -10.22
C ARG C 266 17.77 32.42 -9.32
N LYS C 267 16.65 33.10 -9.09
CA LYS C 267 16.62 34.37 -8.38
C LYS C 267 16.80 34.15 -6.88
N ALA C 268 16.38 32.98 -6.36
CA ALA C 268 16.57 32.67 -4.96
C ALA C 268 18.05 32.43 -4.67
N LEU C 269 18.71 31.68 -5.56
CA LEU C 269 20.10 31.32 -5.38
C LEU C 269 20.98 32.56 -5.46
N GLU C 270 20.63 33.49 -6.36
CA GLU C 270 21.38 34.74 -6.51
C GLU C 270 21.37 35.55 -5.21
N LYS C 271 20.34 35.37 -4.37
CA LYS C 271 20.22 36.05 -3.09
C LYS C 271 20.74 35.19 -1.94
N GLY C 272 21.37 34.05 -2.26
CA GLY C 272 21.93 33.15 -1.25
C GLY C 272 20.86 32.41 -0.45
N VAL C 273 19.67 32.23 -1.03
CA VAL C 273 18.67 31.33 -0.49
C VAL C 273 19.05 29.91 -0.90
N VAL C 274 18.94 28.97 0.04
CA VAL C 274 19.10 27.56 -0.29
C VAL C 274 17.78 27.04 -0.86
N VAL C 275 17.84 26.41 -2.05
CA VAL C 275 16.67 25.85 -2.71
C VAL C 275 16.74 24.33 -2.60
N MET C 276 15.71 23.73 -1.96
CA MET C 276 15.67 22.30 -1.73
C MET C 276 14.51 21.66 -2.50
N ARG C 277 14.85 20.89 -3.54
CA ARG C 277 13.87 20.21 -4.38
C ARG C 277 13.44 18.90 -3.74
N SER C 278 12.16 18.85 -3.33
CA SER C 278 11.52 17.66 -2.81
C SER C 278 10.46 17.20 -3.81
N THR C 279 9.42 16.51 -3.33
CA THR C 279 8.37 16.00 -4.19
C THR C 279 7.01 16.11 -3.50
N ARG C 280 6.00 16.51 -4.28
CA ARG C 280 4.60 16.48 -3.88
C ARG C 280 4.04 15.06 -3.98
N THR C 281 4.78 14.11 -4.54
CA THR C 281 4.20 12.82 -4.93
C THR C 281 3.71 12.09 -3.70
N GLY C 282 4.57 12.04 -2.68
CA GLY C 282 4.23 11.43 -1.41
C GLY C 282 5.32 10.52 -0.90
N ASN C 283 6.14 9.98 -1.82
CA ASN C 283 7.15 8.98 -1.48
C ASN C 283 8.35 9.04 -2.41
N GLY C 284 9.43 8.41 -1.98
CA GLY C 284 10.52 8.07 -2.88
C GLY C 284 11.67 9.07 -2.87
N ILE C 285 12.61 8.83 -3.79
CA ILE C 285 13.89 9.50 -3.84
C ILE C 285 13.80 10.64 -4.84
N VAL C 286 14.31 11.82 -4.48
CA VAL C 286 14.61 12.85 -5.46
C VAL C 286 16.10 12.74 -5.76
N PRO C 287 16.47 12.27 -6.98
CA PRO C 287 17.86 12.02 -7.30
C PRO C 287 18.59 13.32 -7.58
N PRO C 288 19.93 13.39 -7.36
CA PRO C 288 20.73 14.50 -7.88
C PRO C 288 20.49 14.77 -9.36
N ASP C 289 20.47 16.05 -9.75
CA ASP C 289 20.50 16.44 -11.15
C ASP C 289 21.22 17.78 -11.21
N GLU C 290 22.37 17.80 -11.89
CA GLU C 290 23.22 18.99 -11.92
C GLU C 290 22.72 19.98 -12.97
N GLU C 291 21.89 19.50 -13.91
CA GLU C 291 21.24 20.34 -14.90
C GLU C 291 20.13 21.17 -14.25
N LEU C 292 19.80 20.86 -12.98
CA LEU C 292 18.67 21.50 -12.32
C LEU C 292 19.17 22.29 -11.11
N PRO C 293 18.54 23.44 -10.81
CA PRO C 293 18.97 24.30 -9.71
C PRO C 293 18.80 23.67 -8.34
N GLY C 294 19.59 24.15 -7.39
CA GLY C 294 19.38 23.87 -5.97
C GLY C 294 19.73 22.44 -5.59
N LEU C 295 19.45 22.12 -4.33
CA LEU C 295 19.71 20.80 -3.78
C LEU C 295 18.50 19.89 -4.00
N VAL C 296 18.63 18.63 -3.57
CA VAL C 296 17.58 17.62 -3.64
C VAL C 296 17.43 16.96 -2.27
N SER C 297 16.23 16.44 -1.98
CA SER C 297 15.85 16.13 -0.61
C SER C 297 15.95 14.63 -0.29
N ASP C 298 16.68 13.85 -1.08
CA ASP C 298 16.76 12.42 -0.83
C ASP C 298 15.31 11.93 -0.79
N SER C 299 14.94 11.14 0.23
CA SER C 299 13.57 10.65 0.39
C SER C 299 12.81 11.40 1.48
N LEU C 300 13.22 12.63 1.79
CA LEU C 300 12.47 13.49 2.70
C LEU C 300 11.32 14.16 1.94
N ASN C 301 10.10 14.03 2.50
CA ASN C 301 8.92 14.74 2.02
C ASN C 301 9.04 16.23 2.36
N PRO C 302 8.27 17.12 1.69
CA PRO C 302 8.32 18.56 1.96
C PRO C 302 8.37 18.96 3.43
N ALA C 303 7.49 18.40 4.25
CA ALA C 303 7.38 18.84 5.63
C ALA C 303 8.65 18.52 6.42
N HIS C 304 9.21 17.33 6.15
CA HIS C 304 10.46 16.90 6.77
C HIS C 304 11.63 17.70 6.19
N ALA C 305 11.57 17.99 4.89
CA ALA C 305 12.67 18.68 4.23
C ALA C 305 12.90 20.03 4.90
N ARG C 306 11.81 20.78 5.11
CA ARG C 306 11.87 22.09 5.74
C ARG C 306 12.55 21.99 7.11
N ILE C 307 12.08 21.06 7.94
CA ILE C 307 12.59 20.89 9.30
C ILE C 307 14.11 20.73 9.29
N LEU C 308 14.63 19.91 8.36
CA LEU C 308 16.05 19.62 8.28
C LEU C 308 16.80 20.80 7.66
N LEU C 309 16.14 21.50 6.73
CA LEU C 309 16.74 22.65 6.06
C LEU C 309 16.93 23.78 7.06
N MET C 310 15.95 23.95 7.96
CA MET C 310 16.02 24.96 9.00
C MET C 310 17.23 24.70 9.89
N LEU C 311 17.30 23.47 10.41
CA LEU C 311 18.37 23.07 11.31
C LEU C 311 19.71 23.08 10.57
N ALA C 312 19.70 22.75 9.28
CA ALA C 312 20.91 22.82 8.49
C ALA C 312 21.44 24.25 8.50
N LEU C 313 20.52 25.21 8.33
CA LEU C 313 20.85 26.60 8.09
C LEU C 313 21.35 27.31 9.35
N THR C 314 21.15 26.68 10.53
CA THR C 314 21.63 27.23 11.79
C THR C 314 23.09 26.88 12.02
N ARG C 315 23.66 26.01 11.17
CA ARG C 315 25.04 25.55 11.32
C ARG C 315 25.89 25.88 10.10
N THR C 316 25.27 26.18 8.95
CA THR C 316 26.01 26.43 7.72
C THR C 316 25.04 26.99 6.67
N SER C 317 25.59 27.48 5.57
CA SER C 317 24.81 27.75 4.36
C SER C 317 25.60 27.31 3.13
N ASP C 318 26.49 26.34 3.33
CA ASP C 318 27.24 25.68 2.26
C ASP C 318 26.36 24.63 1.61
N PRO C 319 25.99 24.77 0.31
CA PRO C 319 25.20 23.76 -0.38
C PRO C 319 25.67 22.32 -0.20
N LYS C 320 26.98 22.07 -0.26
CA LYS C 320 27.51 20.72 -0.27
C LYS C 320 27.30 20.04 1.10
N VAL C 321 27.48 20.80 2.19
CA VAL C 321 27.35 20.24 3.52
C VAL C 321 25.89 19.88 3.75
N ILE C 322 24.98 20.78 3.34
CA ILE C 322 23.56 20.63 3.58
C ILE C 322 23.03 19.43 2.79
N GLN C 323 23.46 19.32 1.53
CA GLN C 323 23.12 18.20 0.66
C GLN C 323 23.44 16.87 1.36
N GLU C 324 24.66 16.78 1.90
CA GLU C 324 25.14 15.59 2.57
C GLU C 324 24.30 15.36 3.82
N TYR C 325 23.85 16.44 4.47
CA TYR C 325 22.93 16.34 5.59
C TYR C 325 21.67 15.59 5.17
N PHE C 326 21.17 15.93 3.97
CA PHE C 326 19.92 15.37 3.47
C PHE C 326 20.09 13.90 3.10
N HIS C 327 21.33 13.46 2.83
CA HIS C 327 21.59 12.08 2.47
C HIS C 327 21.82 11.24 3.73
N THR C 328 22.19 11.88 4.85
CA THR C 328 22.63 11.14 6.03
C THR C 328 21.64 11.27 7.19
N TYR C 329 20.72 12.23 7.10
CA TYR C 329 19.79 12.48 8.20
C TYR C 329 18.36 12.04 7.79
N LYS D 5 39.90 -0.90 -9.22
CA LYS D 5 39.20 -1.93 -10.03
C LYS D 5 37.88 -2.30 -9.34
N LEU D 6 37.15 -3.21 -9.99
CA LEU D 6 35.79 -3.57 -9.61
C LEU D 6 35.83 -4.69 -8.58
N PRO D 7 34.74 -4.90 -7.81
CA PRO D 7 34.62 -6.10 -6.95
C PRO D 7 34.31 -7.34 -7.78
N ASN D 8 34.53 -8.52 -7.17
CA ASN D 8 34.35 -9.80 -7.86
C ASN D 8 33.05 -10.44 -7.37
N ILE D 9 32.09 -10.58 -8.27
CA ILE D 9 30.76 -11.08 -7.92
C ILE D 9 30.45 -12.33 -8.73
N VAL D 10 30.11 -13.42 -8.03
CA VAL D 10 29.67 -14.64 -8.66
C VAL D 10 28.15 -14.58 -8.84
N ILE D 11 27.70 -14.84 -10.06
CA ILE D 11 26.28 -15.04 -10.35
C ILE D 11 26.01 -16.54 -10.44
N LEU D 12 25.30 -17.07 -9.42
CA LEU D 12 24.73 -18.41 -9.42
C LEU D 12 23.34 -18.39 -10.07
N ALA D 13 23.08 -19.36 -10.95
CA ALA D 13 21.78 -19.46 -11.61
C ALA D 13 21.09 -20.74 -11.15
N THR D 14 19.80 -20.61 -10.82
CA THR D 14 18.99 -21.74 -10.39
C THR D 14 18.03 -22.15 -11.51
N GLY D 15 17.99 -21.36 -12.59
CA GLY D 15 17.11 -21.64 -13.71
C GLY D 15 17.66 -21.05 -15.01
N GLY D 16 16.76 -20.89 -16.00
CA GLY D 16 17.08 -20.22 -17.24
C GLY D 16 17.28 -18.72 -17.05
N THR D 17 17.88 -18.08 -18.07
CA THR D 17 18.17 -16.66 -18.05
C THR D 17 16.91 -15.86 -17.75
N ILE D 18 17.10 -14.70 -17.12
CA ILE D 18 16.07 -13.67 -16.96
C ILE D 18 16.41 -12.44 -17.82
N ALA D 19 17.43 -12.54 -18.68
CA ALA D 19 17.80 -11.48 -19.61
C ALA D 19 18.27 -12.09 -20.93
N GLY D 20 17.91 -11.45 -22.06
CA GLY D 20 18.25 -11.94 -23.39
C GLY D 20 17.21 -12.92 -23.91
N LEU D 36 24.22 -22.86 -21.47
CA LEU D 36 24.07 -22.40 -20.06
C LEU D 36 23.34 -21.07 -20.03
N GLY D 37 22.25 -21.00 -19.25
CA GLY D 37 21.49 -19.78 -19.10
C GLY D 37 22.33 -18.61 -18.59
N VAL D 38 23.21 -18.89 -17.61
CA VAL D 38 23.92 -17.85 -16.89
C VAL D 38 24.94 -17.13 -17.78
N ASP D 39 25.37 -17.77 -18.88
CA ASP D 39 26.26 -17.12 -19.85
C ASP D 39 25.43 -16.26 -20.80
N THR D 40 24.27 -16.80 -21.23
CA THR D 40 23.31 -16.04 -22.01
C THR D 40 22.92 -14.77 -21.26
N LEU D 41 22.76 -14.88 -19.93
CA LEU D 41 22.30 -13.79 -19.09
C LEU D 41 23.31 -12.64 -19.08
N ILE D 42 24.59 -12.99 -18.91
CA ILE D 42 25.64 -12.01 -18.74
C ILE D 42 25.92 -11.32 -20.08
N ASN D 43 25.89 -12.08 -21.17
CA ASN D 43 26.07 -11.53 -22.51
C ASN D 43 24.92 -10.59 -22.86
N ALA D 44 23.73 -10.85 -22.31
CA ALA D 44 22.55 -10.05 -22.59
C ALA D 44 22.56 -8.75 -21.80
N VAL D 45 23.36 -8.68 -20.72
CA VAL D 45 23.41 -7.49 -19.89
C VAL D 45 24.86 -7.07 -19.72
N PRO D 46 25.56 -6.63 -20.80
CA PRO D 46 26.98 -6.30 -20.74
C PRO D 46 27.33 -5.07 -19.92
N GLU D 47 26.32 -4.39 -19.36
CA GLU D 47 26.56 -3.21 -18.56
C GLU D 47 26.98 -3.63 -17.15
N VAL D 48 26.78 -4.91 -16.79
CA VAL D 48 27.11 -5.41 -15.46
C VAL D 48 28.63 -5.43 -15.27
N LYS D 49 29.37 -5.65 -16.36
CA LYS D 49 30.81 -5.86 -16.28
C LYS D 49 31.53 -4.56 -15.98
N LYS D 50 30.84 -3.42 -16.09
CA LYS D 50 31.38 -2.14 -15.66
C LYS D 50 31.15 -1.91 -14.16
N LEU D 51 30.30 -2.74 -13.54
CA LEU D 51 30.02 -2.65 -12.11
C LEU D 51 30.85 -3.67 -11.32
N ALA D 52 31.05 -4.86 -11.90
CA ALA D 52 31.72 -5.94 -11.19
C ALA D 52 32.54 -6.80 -12.15
N ASN D 53 33.35 -7.68 -11.55
CA ASN D 53 33.97 -8.79 -12.24
C ASN D 53 33.11 -10.02 -11.99
N VAL D 54 32.46 -10.52 -13.05
CA VAL D 54 31.39 -11.49 -12.89
C VAL D 54 31.87 -12.85 -13.40
N LYS D 55 31.70 -13.85 -12.54
CA LYS D 55 31.86 -15.24 -12.92
C LYS D 55 30.48 -15.90 -12.85
N GLY D 56 29.91 -16.19 -14.02
CA GLY D 56 28.68 -16.97 -14.11
C GLY D 56 28.91 -18.41 -13.66
N GLU D 57 27.89 -19.00 -13.02
CA GLU D 57 27.96 -20.37 -12.56
C GLU D 57 26.55 -20.95 -12.52
N GLN D 58 26.31 -22.05 -13.24
CA GLN D 58 24.99 -22.59 -13.44
C GLN D 58 24.70 -23.65 -12.38
N PHE D 59 24.26 -23.21 -11.20
CA PHE D 59 24.07 -24.11 -10.07
C PHE D 59 23.03 -25.17 -10.39
N SER D 60 21.84 -24.74 -10.82
CA SER D 60 20.77 -25.65 -11.21
C SER D 60 20.02 -25.09 -12.40
N ASN D 61 18.98 -25.81 -12.84
CA ASN D 61 18.09 -25.32 -13.87
C ASN D 61 16.67 -25.84 -13.62
N MET D 62 15.91 -25.07 -12.84
CA MET D 62 14.52 -25.42 -12.58
C MET D 62 13.71 -24.15 -12.35
N ALA D 63 12.40 -24.26 -12.58
CA ALA D 63 11.44 -23.24 -12.19
C ALA D 63 11.31 -23.24 -10.66
N SER D 64 11.30 -22.04 -10.07
CA SER D 64 11.25 -21.90 -8.62
C SER D 64 10.14 -22.76 -8.01
N GLU D 65 9.05 -22.95 -8.77
CA GLU D 65 7.97 -23.82 -8.35
C GLU D 65 8.47 -25.21 -7.99
N ASN D 66 9.60 -25.64 -8.58
CA ASN D 66 10.11 -26.99 -8.36
C ASN D 66 11.32 -27.03 -7.44
N MET D 67 11.82 -25.85 -7.05
CA MET D 67 12.93 -25.78 -6.12
C MET D 67 12.57 -26.56 -4.86
N THR D 68 13.54 -27.32 -4.33
CA THR D 68 13.28 -28.22 -3.20
C THR D 68 14.26 -27.93 -2.07
N GLY D 69 13.89 -28.40 -0.87
CA GLY D 69 14.68 -28.20 0.34
C GLY D 69 16.10 -28.75 0.20
N ASP D 70 16.24 -29.94 -0.39
CA ASP D 70 17.52 -30.59 -0.53
C ASP D 70 18.40 -29.78 -1.48
N VAL D 71 17.78 -29.15 -2.50
CA VAL D 71 18.53 -28.35 -3.44
C VAL D 71 18.92 -27.03 -2.77
N VAL D 72 18.00 -26.45 -1.98
CA VAL D 72 18.27 -25.18 -1.33
C VAL D 72 19.41 -25.38 -0.34
N LEU D 73 19.41 -26.55 0.30
CA LEU D 73 20.46 -26.96 1.22
C LEU D 73 21.82 -26.97 0.53
N LYS D 74 21.85 -27.43 -0.73
CA LYS D 74 23.08 -27.47 -1.50
C LYS D 74 23.46 -26.05 -1.94
N LEU D 75 22.46 -25.23 -2.27
CA LEU D 75 22.71 -23.85 -2.69
C LEU D 75 23.33 -23.07 -1.53
N SER D 76 22.83 -23.29 -0.31
CA SER D 76 23.38 -22.69 0.90
C SER D 76 24.87 -23.03 1.03
N GLN D 77 25.17 -24.33 0.97
CA GLN D 77 26.51 -24.86 1.17
C GLN D 77 27.44 -24.27 0.11
N ARG D 78 26.96 -24.23 -1.12
CA ARG D 78 27.72 -23.71 -2.25
C ARG D 78 28.05 -22.24 -2.04
N VAL D 79 27.06 -21.48 -1.54
CA VAL D 79 27.20 -20.06 -1.35
C VAL D 79 28.22 -19.80 -0.24
N ASN D 80 28.15 -20.59 0.84
CA ASN D 80 29.15 -20.51 1.91
C ASN D 80 30.55 -20.77 1.37
N GLU D 81 30.69 -21.75 0.46
CA GLU D 81 31.98 -22.08 -0.13
C GLU D 81 32.56 -20.83 -0.79
N LEU D 82 31.76 -20.23 -1.69
CA LEU D 82 32.17 -19.04 -2.44
C LEU D 82 32.56 -17.89 -1.51
N LEU D 83 31.80 -17.69 -0.41
CA LEU D 83 31.95 -16.51 0.42
C LEU D 83 33.19 -16.60 1.31
N ALA D 84 33.65 -17.85 1.54
CA ALA D 84 34.91 -18.11 2.24
C ALA D 84 36.10 -17.71 1.36
N ARG D 85 36.00 -17.88 0.04
CA ARG D 85 37.07 -17.53 -0.88
C ARG D 85 37.30 -16.02 -0.85
N ASP D 86 38.57 -15.61 -0.91
CA ASP D 86 38.95 -14.21 -0.83
C ASP D 86 38.73 -13.49 -2.16
N ASP D 87 38.46 -14.24 -3.23
CA ASP D 87 38.32 -13.69 -4.57
C ASP D 87 36.84 -13.57 -4.94
N VAL D 88 35.96 -13.65 -3.92
CA VAL D 88 34.53 -13.38 -4.05
C VAL D 88 34.13 -12.35 -2.98
N ASP D 89 33.70 -11.17 -3.45
CA ASP D 89 33.26 -10.08 -2.58
C ASP D 89 31.78 -10.23 -2.24
N GLY D 90 31.02 -10.92 -3.10
CA GLY D 90 29.60 -11.18 -2.87
C GLY D 90 29.00 -12.04 -3.98
N VAL D 91 27.74 -12.46 -3.79
CA VAL D 91 27.09 -13.43 -4.66
C VAL D 91 25.67 -12.96 -5.01
N VAL D 92 25.39 -12.96 -6.32
CA VAL D 92 24.05 -12.70 -6.85
C VAL D 92 23.46 -14.03 -7.29
N ILE D 93 22.20 -14.31 -6.89
CA ILE D 93 21.58 -15.58 -7.24
C ILE D 93 20.31 -15.31 -8.05
N THR D 94 20.34 -15.71 -9.34
CA THR D 94 19.13 -15.68 -10.15
C THR D 94 18.25 -16.86 -9.75
N HIS D 95 16.94 -16.59 -9.65
CA HIS D 95 15.99 -17.51 -9.06
C HIS D 95 14.60 -17.14 -9.59
N GLY D 96 13.67 -18.10 -9.56
CA GLY D 96 12.31 -17.82 -9.96
C GLY D 96 11.56 -17.06 -8.86
N THR D 97 10.66 -16.17 -9.27
CA THR D 97 9.97 -15.28 -8.36
C THR D 97 9.07 -16.04 -7.40
N ASP D 98 8.43 -17.13 -7.88
CA ASP D 98 7.40 -17.83 -7.13
C ASP D 98 7.87 -18.29 -5.76
N THR D 99 9.12 -18.74 -5.62
CA THR D 99 9.57 -19.28 -4.33
C THR D 99 10.92 -18.71 -3.91
N VAL D 100 11.36 -17.63 -4.55
CA VAL D 100 12.58 -16.94 -4.16
C VAL D 100 12.53 -16.59 -2.67
N GLU D 101 11.34 -16.25 -2.16
CA GLU D 101 11.22 -15.80 -0.78
C GLU D 101 11.61 -16.93 0.18
N GLU D 102 11.34 -18.17 -0.24
CA GLU D 102 11.64 -19.35 0.55
C GLU D 102 13.14 -19.64 0.49
N SER D 103 13.68 -19.68 -0.73
CA SER D 103 15.10 -19.90 -0.96
C SER D 103 15.91 -18.84 -0.23
N ALA D 104 15.58 -17.57 -0.50
CA ALA D 104 16.27 -16.44 0.08
C ALA D 104 16.27 -16.48 1.62
N TYR D 105 15.15 -16.90 2.22
CA TYR D 105 15.04 -16.90 3.68
C TYR D 105 15.80 -18.09 4.28
N PHE D 106 15.89 -19.18 3.52
CA PHE D 106 16.70 -20.31 3.94
C PHE D 106 18.15 -19.85 4.09
N LEU D 107 18.69 -19.21 3.04
CA LEU D 107 20.07 -18.75 3.05
C LEU D 107 20.26 -17.65 4.09
N HIS D 108 19.23 -16.80 4.25
CA HIS D 108 19.22 -15.73 5.25
C HIS D 108 19.73 -16.27 6.58
N LEU D 109 19.31 -17.51 6.88
CA LEU D 109 19.49 -18.14 8.19
C LEU D 109 20.76 -18.99 8.27
N THR D 110 21.32 -19.42 7.12
CA THR D 110 22.31 -20.49 7.10
C THR D 110 23.63 -20.09 6.43
N VAL D 111 23.69 -18.92 5.78
CA VAL D 111 24.93 -18.40 5.23
C VAL D 111 25.74 -17.75 6.35
N LYS D 112 26.95 -18.27 6.61
CA LYS D 112 27.79 -17.76 7.67
C LYS D 112 28.78 -16.75 7.10
N SER D 113 28.27 -15.59 6.67
CA SER D 113 29.10 -14.56 6.06
C SER D 113 28.36 -13.23 6.02
N ASP D 114 29.13 -12.12 6.09
CA ASP D 114 28.60 -10.77 5.99
C ASP D 114 28.63 -10.30 4.54
N LYS D 115 29.25 -11.08 3.66
CA LYS D 115 29.36 -10.70 2.27
C LYS D 115 27.96 -10.73 1.64
N PRO D 116 27.62 -9.74 0.77
CA PRO D 116 26.31 -9.66 0.13
C PRO D 116 25.81 -10.93 -0.57
N VAL D 117 24.70 -11.49 -0.07
CA VAL D 117 23.94 -12.49 -0.79
C VAL D 117 22.64 -11.84 -1.29
N VAL D 118 22.56 -11.64 -2.61
CA VAL D 118 21.46 -10.96 -3.24
C VAL D 118 20.77 -11.92 -4.21
N PHE D 119 19.54 -12.33 -3.87
CA PHE D 119 18.69 -12.98 -4.85
C PHE D 119 18.14 -11.93 -5.81
N VAL D 120 17.87 -12.37 -7.03
CA VAL D 120 17.35 -11.51 -8.10
C VAL D 120 16.47 -12.39 -8.98
N ALA D 121 15.56 -11.76 -9.73
CA ALA D 121 14.53 -12.46 -10.45
C ALA D 121 13.80 -11.49 -11.39
N ALA D 122 12.85 -12.03 -12.16
CA ALA D 122 12.11 -11.24 -13.13
C ALA D 122 10.67 -11.73 -13.17
N MET D 123 9.72 -10.80 -13.26
CA MET D 123 8.32 -11.15 -13.36
C MET D 123 7.93 -11.33 -14.83
N ARG D 124 8.65 -10.66 -15.73
CA ARG D 124 8.50 -10.86 -17.17
C ARG D 124 9.62 -11.77 -17.69
N PRO D 125 9.31 -12.66 -18.66
CA PRO D 125 10.34 -13.50 -19.27
C PRO D 125 11.29 -12.66 -20.12
N ALA D 126 12.53 -13.16 -20.29
CA ALA D 126 13.64 -12.40 -20.83
C ALA D 126 13.35 -11.87 -22.24
N THR D 127 12.50 -12.61 -22.97
CA THR D 127 12.16 -12.31 -24.34
C THR D 127 11.06 -11.25 -24.42
N ALA D 128 10.40 -10.96 -23.28
CA ALA D 128 9.23 -10.09 -23.27
C ALA D 128 9.65 -8.63 -23.39
N ILE D 129 8.78 -7.84 -24.04
CA ILE D 129 8.95 -6.41 -24.15
C ILE D 129 8.95 -5.83 -22.74
N SER D 130 9.84 -4.86 -22.53
CA SER D 130 10.04 -4.22 -21.23
C SER D 130 10.26 -5.28 -20.16
N ALA D 131 11.20 -6.20 -20.42
CA ALA D 131 11.60 -7.17 -19.42
C ALA D 131 12.35 -6.45 -18.29
N ASP D 132 12.18 -6.97 -17.07
CA ASP D 132 12.72 -6.35 -15.87
C ASP D 132 14.06 -6.99 -15.50
N GLY D 133 14.31 -8.22 -15.99
CA GLY D 133 15.52 -8.96 -15.67
C GLY D 133 16.79 -8.14 -15.85
N PRO D 134 17.02 -7.50 -17.02
CA PRO D 134 18.21 -6.67 -17.21
C PRO D 134 18.47 -5.66 -16.09
N MET D 135 17.48 -4.84 -15.72
CA MET D 135 17.74 -3.83 -14.70
C MET D 135 17.72 -4.48 -13.31
N ASN D 136 16.90 -5.51 -13.13
CA ASN D 136 16.89 -6.26 -11.89
C ASN D 136 18.29 -6.80 -11.61
N LEU D 137 18.90 -7.42 -12.62
CA LEU D 137 20.23 -8.00 -12.49
C LEU D 137 21.25 -6.90 -12.19
N LEU D 138 21.24 -5.83 -13.00
CA LEU D 138 22.13 -4.70 -12.83
C LEU D 138 22.11 -4.20 -11.39
N GLU D 139 20.92 -3.86 -10.91
CA GLU D 139 20.72 -3.43 -9.55
C GLU D 139 21.32 -4.44 -8.56
N ALA D 140 21.04 -5.73 -8.80
CA ALA D 140 21.40 -6.78 -7.87
C ALA D 140 22.92 -6.87 -7.75
N VAL D 141 23.60 -6.68 -8.88
CA VAL D 141 25.06 -6.69 -8.94
C VAL D 141 25.60 -5.47 -8.21
N ARG D 142 24.99 -4.31 -8.45
CA ARG D 142 25.41 -3.08 -7.79
C ARG D 142 25.28 -3.24 -6.27
N VAL D 143 24.20 -3.89 -5.82
CA VAL D 143 23.97 -4.08 -4.41
C VAL D 143 25.01 -5.04 -3.82
N ALA D 144 25.40 -6.06 -4.60
CA ALA D 144 26.38 -7.04 -4.16
C ALA D 144 27.79 -6.44 -4.16
N GLY D 145 28.09 -5.59 -5.16
CA GLY D 145 29.39 -4.95 -5.28
C GLY D 145 29.61 -3.82 -4.27
N ASP D 146 28.53 -3.24 -3.72
CA ASP D 146 28.67 -2.12 -2.80
C ASP D 146 29.12 -2.63 -1.44
N LYS D 147 29.87 -1.80 -0.70
CA LYS D 147 30.49 -2.20 0.55
C LYS D 147 29.60 -1.83 1.74
N GLN D 148 28.66 -0.91 1.53
CA GLN D 148 27.66 -0.60 2.53
C GLN D 148 26.61 -1.71 2.62
N SER D 149 26.65 -2.66 1.66
CA SER D 149 25.70 -3.75 1.58
C SER D 149 26.02 -4.88 2.57
N ARG D 150 27.20 -4.83 3.21
CA ARG D 150 27.63 -5.89 4.11
C ARG D 150 26.80 -5.90 5.39
N GLY D 151 26.53 -7.12 5.88
CA GLY D 151 26.05 -7.36 7.23
C GLY D 151 24.57 -7.08 7.40
N ARG D 152 23.82 -7.08 6.29
CA ARG D 152 22.43 -6.63 6.24
C ARG D 152 21.46 -7.79 6.02
N GLY D 153 21.99 -9.02 5.97
CA GLY D 153 21.20 -10.20 5.71
C GLY D 153 21.14 -10.52 4.22
N VAL D 154 20.44 -11.61 3.90
CA VAL D 154 20.13 -11.95 2.53
C VAL D 154 19.08 -10.95 2.02
N MET D 155 19.22 -10.59 0.74
CA MET D 155 18.45 -9.52 0.11
C MET D 155 17.86 -10.04 -1.18
N VAL D 156 16.63 -9.62 -1.48
CA VAL D 156 16.00 -9.85 -2.75
C VAL D 156 15.93 -8.50 -3.45
N VAL D 157 16.46 -8.44 -4.68
CA VAL D 157 16.53 -7.17 -5.38
C VAL D 157 15.72 -7.28 -6.67
N ILE D 158 14.82 -6.32 -6.89
CA ILE D 158 13.87 -6.36 -7.99
C ILE D 158 13.02 -5.10 -7.94
N ASN D 159 12.82 -4.48 -9.11
CA ASN D 159 11.92 -3.35 -9.28
C ASN D 159 12.42 -2.21 -8.40
N ASP D 160 13.73 -1.94 -8.46
CA ASP D 160 14.37 -0.80 -7.82
C ASP D 160 14.38 -0.94 -6.29
N ARG D 161 14.03 -2.11 -5.76
CA ARG D 161 13.87 -2.29 -4.34
C ARG D 161 14.85 -3.34 -3.82
N ILE D 162 15.35 -3.10 -2.60
CA ILE D 162 16.07 -4.10 -1.82
C ILE D 162 15.21 -4.49 -0.64
N GLY D 163 14.66 -5.70 -0.67
CA GLY D 163 13.90 -6.26 0.44
C GLY D 163 14.71 -7.29 1.22
N SER D 164 14.48 -7.37 2.54
CA SER D 164 15.10 -8.37 3.38
C SER D 164 14.38 -9.71 3.21
N ALA D 165 15.15 -10.80 3.06
CA ALA D 165 14.59 -12.12 2.85
C ALA D 165 13.54 -12.45 3.91
N ARG D 166 13.74 -11.93 5.13
CA ARG D 166 12.89 -12.26 6.26
C ARG D 166 11.50 -11.63 6.11
N TYR D 167 11.40 -10.49 5.41
CA TYR D 167 10.14 -9.73 5.33
C TYR D 167 9.52 -9.79 3.93
N ILE D 168 10.36 -9.78 2.88
CA ILE D 168 9.88 -9.67 1.51
C ILE D 168 9.07 -10.92 1.17
N THR D 169 8.09 -10.73 0.28
CA THR D 169 7.21 -11.80 -0.15
C THR D 169 6.66 -11.41 -1.53
N LYS D 170 6.26 -12.41 -2.30
CA LYS D 170 5.56 -12.17 -3.54
C LYS D 170 4.10 -11.94 -3.17
N THR D 171 3.66 -10.68 -3.25
CA THR D 171 2.35 -10.27 -2.77
C THR D 171 1.29 -10.41 -3.87
N ASN D 172 1.74 -10.46 -5.13
CA ASN D 172 0.84 -10.39 -6.28
C ASN D 172 1.27 -11.46 -7.30
N ALA D 173 0.26 -12.08 -7.93
CA ALA D 173 0.49 -13.20 -8.84
C ALA D 173 1.35 -12.82 -10.03
N SER D 174 1.19 -11.59 -10.55
CA SER D 174 1.55 -11.33 -11.94
C SER D 174 2.11 -9.93 -12.20
N THR D 175 2.52 -9.17 -11.18
CA THR D 175 2.90 -7.78 -11.38
C THR D 175 4.40 -7.56 -11.15
N LEU D 176 4.97 -6.58 -11.86
CA LEU D 176 6.39 -6.24 -11.68
C LEU D 176 6.68 -5.85 -10.23
N ASP D 177 5.69 -5.25 -9.56
CA ASP D 177 5.88 -4.59 -8.27
C ASP D 177 5.47 -5.53 -7.14
N THR D 178 5.36 -6.83 -7.43
CA THR D 178 4.79 -7.83 -6.54
C THR D 178 5.54 -7.92 -5.21
N PHE D 179 6.86 -7.71 -5.25
CA PHE D 179 7.68 -7.95 -4.07
C PHE D 179 7.55 -6.75 -3.14
N ARG D 180 6.99 -7.00 -1.95
CA ARG D 180 6.72 -5.96 -0.98
C ARG D 180 6.72 -6.55 0.41
N ALA D 181 6.95 -5.64 1.37
CA ALA D 181 6.74 -5.91 2.78
C ALA D 181 5.99 -4.71 3.33
N ASN D 182 4.68 -4.87 3.46
CA ASN D 182 3.82 -3.73 3.69
C ASN D 182 4.14 -3.08 5.03
N GLU D 183 4.38 -3.90 6.06
CA GLU D 183 4.55 -3.41 7.42
C GLU D 183 6.02 -3.13 7.72
N GLU D 184 6.92 -3.85 7.05
CA GLU D 184 8.33 -3.79 7.42
C GLU D 184 9.11 -2.93 6.41
N GLY D 185 8.54 -2.72 5.23
CA GLY D 185 9.16 -1.89 4.21
C GLY D 185 10.39 -2.56 3.60
N TYR D 186 11.16 -1.74 2.86
CA TYR D 186 12.33 -2.19 2.14
C TYR D 186 13.60 -1.77 2.90
N LEU D 187 14.63 -2.61 2.83
CA LEU D 187 15.92 -2.29 3.41
C LEU D 187 16.47 -1.05 2.74
N GLY D 188 16.27 -0.97 1.42
CA GLY D 188 16.76 0.16 0.65
C GLY D 188 16.14 0.21 -0.74
N VAL D 189 16.54 1.21 -1.53
CA VAL D 189 16.07 1.35 -2.90
C VAL D 189 17.23 1.78 -3.79
N ILE D 190 17.17 1.38 -5.06
CA ILE D 190 18.16 1.80 -6.03
C ILE D 190 17.49 2.71 -7.05
N ILE D 191 17.85 4.00 -6.94
CA ILE D 191 17.31 5.05 -7.79
C ILE D 191 18.49 5.86 -8.31
N GLY D 192 18.49 6.14 -9.62
CA GLY D 192 19.53 6.90 -10.25
C GLY D 192 20.91 6.30 -9.98
N ASN D 193 21.04 4.99 -10.20
CA ASN D 193 22.31 4.27 -10.13
C ASN D 193 22.98 4.45 -8.77
N ARG D 194 22.17 4.63 -7.72
CA ARG D 194 22.69 4.86 -6.38
C ARG D 194 21.79 4.16 -5.38
N ILE D 195 22.42 3.55 -4.37
CA ILE D 195 21.72 2.73 -3.39
C ILE D 195 21.40 3.59 -2.18
N TYR D 196 20.12 3.61 -1.78
CA TYR D 196 19.69 4.36 -0.63
C TYR D 196 19.21 3.40 0.45
N TYR D 197 20.08 3.12 1.43
CA TYR D 197 19.74 2.23 2.52
C TYR D 197 18.87 2.99 3.52
N GLN D 198 17.76 2.34 3.93
CA GLN D 198 16.69 2.95 4.67
C GLN D 198 16.67 2.37 6.09
N ASN D 199 16.55 1.04 6.16
CA ASN D 199 16.48 0.31 7.41
C ASN D 199 17.56 -0.76 7.46
N ARG D 200 17.86 -1.22 8.68
CA ARG D 200 18.56 -2.46 8.94
C ARG D 200 17.57 -3.36 9.68
N ILE D 201 17.44 -4.61 9.23
CA ILE D 201 16.52 -5.53 9.90
C ILE D 201 16.99 -5.70 11.34
N ASP D 202 16.03 -5.69 12.27
CA ASP D 202 16.32 -5.83 13.68
C ASP D 202 16.01 -7.26 14.09
N LYS D 203 16.66 -8.20 13.38
CA LYS D 203 16.53 -9.62 13.65
C LYS D 203 17.89 -10.28 13.43
N LEU D 204 18.06 -11.48 14.00
CA LEU D 204 19.26 -12.30 13.82
C LEU D 204 19.23 -12.95 12.43
N HIS D 205 20.44 -13.15 11.87
CA HIS D 205 20.62 -13.67 10.52
C HIS D 205 22.10 -13.89 10.23
N THR D 206 22.37 -14.55 9.10
CA THR D 206 23.71 -14.84 8.61
C THR D 206 24.66 -15.24 9.74
N THR D 207 25.67 -14.40 10.01
CA THR D 207 26.80 -14.77 10.86
C THR D 207 26.37 -14.88 12.32
N ARG D 208 25.29 -14.18 12.68
CA ARG D 208 24.75 -14.23 14.03
C ARG D 208 23.74 -15.37 14.18
N SER D 209 23.52 -16.18 13.13
CA SER D 209 22.55 -17.26 13.17
C SER D 209 23.19 -18.50 13.81
N VAL D 210 22.38 -19.35 14.45
CA VAL D 210 22.86 -20.59 15.02
C VAL D 210 22.70 -21.75 14.03
N PHE D 211 21.97 -21.52 12.92
CA PHE D 211 21.62 -22.57 11.99
C PHE D 211 22.75 -22.82 11.02
N ASP D 212 23.53 -23.90 11.25
CA ASP D 212 24.53 -24.36 10.30
C ASP D 212 24.01 -25.65 9.70
N VAL D 213 23.96 -25.72 8.36
CA VAL D 213 23.45 -26.92 7.70
C VAL D 213 24.49 -27.45 6.73
N ARG D 214 25.77 -27.13 6.97
CA ARG D 214 26.85 -27.54 6.10
C ARG D 214 27.08 -29.04 6.25
N GLY D 215 26.78 -29.59 7.43
CA GLY D 215 26.83 -31.02 7.67
C GLY D 215 25.69 -31.79 7.00
N LEU D 216 24.47 -31.23 7.03
CA LEU D 216 23.25 -31.98 6.77
C LEU D 216 23.12 -32.37 5.29
N THR D 217 22.46 -33.52 5.06
CA THR D 217 22.29 -34.10 3.74
C THR D 217 20.82 -33.96 3.28
N SER D 218 19.86 -34.17 4.20
CA SER D 218 18.45 -33.87 3.95
C SER D 218 17.85 -33.11 5.14
N LEU D 219 16.54 -32.78 5.05
CA LEU D 219 15.90 -31.87 5.98
C LEU D 219 14.58 -32.43 6.50
N PRO D 220 14.14 -32.05 7.72
CA PRO D 220 12.82 -32.42 8.25
C PRO D 220 11.64 -32.03 7.36
N LYS D 221 10.58 -32.85 7.43
CA LYS D 221 9.38 -32.66 6.62
C LYS D 221 8.43 -31.72 7.35
N VAL D 222 8.13 -30.57 6.70
CA VAL D 222 7.17 -29.61 7.23
C VAL D 222 6.18 -29.28 6.12
N ASP D 223 4.89 -29.48 6.39
CA ASP D 223 3.84 -29.21 5.43
C ASP D 223 2.95 -28.07 5.93
N ILE D 224 2.19 -27.48 5.01
CA ILE D 224 1.40 -26.29 5.29
C ILE D 224 -0.06 -26.60 4.99
N LEU D 225 -0.91 -26.43 6.00
CA LEU D 225 -2.35 -26.60 5.84
C LEU D 225 -3.02 -25.24 5.99
N TYR D 226 -3.99 -24.99 5.10
CA TYR D 226 -4.69 -23.72 5.02
C TYR D 226 -5.82 -23.73 6.05
N GLY D 227 -6.17 -22.54 6.54
CA GLY D 227 -7.33 -22.35 7.39
C GLY D 227 -8.46 -21.68 6.63
N TYR D 228 -9.66 -22.26 6.67
CA TYR D 228 -10.83 -21.73 5.99
C TYR D 228 -12.11 -22.29 6.62
N GLN D 229 -13.25 -21.74 6.19
CA GLN D 229 -14.52 -22.30 6.59
C GLN D 229 -14.56 -23.75 6.11
N ASP D 230 -14.99 -24.65 7.01
CA ASP D 230 -15.17 -26.07 6.72
C ASP D 230 -13.84 -26.78 6.47
N ASP D 231 -12.74 -26.24 7.02
CA ASP D 231 -11.45 -26.86 6.81
C ASP D 231 -11.50 -28.28 7.37
N PRO D 232 -10.92 -29.27 6.64
CA PRO D 232 -10.97 -30.66 7.08
C PRO D 232 -9.90 -31.01 8.12
N GLU D 233 -10.31 -31.80 9.11
CA GLU D 233 -9.44 -32.43 10.08
C GLU D 233 -8.59 -33.50 9.41
N TYR D 234 -9.11 -34.12 8.33
CA TYR D 234 -8.48 -35.30 7.76
C TYR D 234 -7.12 -34.97 7.16
N LEU D 235 -6.87 -33.71 6.80
CA LEU D 235 -5.58 -33.34 6.24
C LEU D 235 -4.50 -33.35 7.33
N TYR D 236 -4.86 -33.02 8.57
CA TYR D 236 -3.95 -33.13 9.69
C TYR D 236 -3.58 -34.60 9.91
N ASP D 237 -4.62 -35.47 9.96
CA ASP D 237 -4.45 -36.91 10.00
C ASP D 237 -3.46 -37.35 8.92
N ALA D 238 -3.72 -36.98 7.66
CA ALA D 238 -2.85 -37.39 6.57
C ALA D 238 -1.42 -36.96 6.82
N ALA D 239 -1.24 -35.70 7.25
CA ALA D 239 0.08 -35.14 7.49
C ALA D 239 0.81 -35.99 8.54
N ILE D 240 0.10 -36.36 9.60
CA ILE D 240 0.64 -37.19 10.67
C ILE D 240 1.09 -38.53 10.09
N GLN D 241 0.22 -39.18 9.31
CA GLN D 241 0.44 -40.55 8.85
C GLN D 241 1.55 -40.60 7.81
N HIS D 242 1.82 -39.46 7.15
CA HIS D 242 2.93 -39.36 6.22
C HIS D 242 4.18 -38.78 6.92
N GLY D 243 4.18 -38.75 8.25
CA GLY D 243 5.41 -38.62 9.04
C GLY D 243 5.99 -37.21 9.10
N VAL D 244 5.15 -36.17 8.99
CA VAL D 244 5.65 -34.79 9.04
C VAL D 244 6.17 -34.47 10.44
N LYS D 245 7.26 -33.69 10.49
CA LYS D 245 7.88 -33.27 11.74
C LYS D 245 7.29 -31.95 12.23
N GLY D 246 6.74 -31.15 11.31
CA GLY D 246 6.06 -29.92 11.67
C GLY D 246 4.92 -29.60 10.71
N ILE D 247 3.91 -28.88 11.20
CA ILE D 247 2.80 -28.40 10.38
C ILE D 247 2.67 -26.90 10.62
N VAL D 248 2.95 -26.12 9.58
CA VAL D 248 2.65 -24.69 9.57
C VAL D 248 1.18 -24.55 9.17
N TYR D 249 0.44 -23.83 10.00
CA TYR D 249 -0.95 -23.52 9.73
C TYR D 249 -1.04 -22.12 9.13
N ALA D 250 -1.39 -22.04 7.84
CA ALA D 250 -1.74 -20.78 7.22
C ALA D 250 -3.16 -20.40 7.66
N GLY D 251 -3.26 -19.89 8.89
CA GLY D 251 -4.54 -19.83 9.60
C GLY D 251 -5.43 -18.64 9.20
N MET D 252 -6.72 -18.84 9.47
CA MET D 252 -7.74 -17.80 9.43
C MET D 252 -7.37 -16.68 10.40
N GLY D 253 -7.38 -15.45 9.88
CA GLY D 253 -6.98 -14.29 10.66
C GLY D 253 -5.67 -14.52 11.41
N ALA D 254 -5.72 -14.35 12.74
CA ALA D 254 -4.51 -14.34 13.56
C ALA D 254 -4.24 -15.73 14.13
N GLY D 255 -4.10 -16.73 13.26
CA GLY D 255 -3.85 -18.08 13.70
C GLY D 255 -5.09 -18.75 14.28
N SER D 256 -6.28 -18.18 14.02
CA SER D 256 -7.51 -18.72 14.57
C SER D 256 -7.75 -20.13 14.02
N VAL D 257 -8.30 -21.01 14.87
CA VAL D 257 -8.46 -22.41 14.53
C VAL D 257 -9.92 -22.83 14.74
N SER D 258 -10.50 -23.48 13.72
CA SER D 258 -11.81 -24.09 13.85
C SER D 258 -11.73 -25.28 14.81
N VAL D 259 -12.90 -25.77 15.23
CA VAL D 259 -13.00 -26.94 16.09
C VAL D 259 -12.32 -28.13 15.41
N ARG D 260 -12.47 -28.23 14.08
CA ARG D 260 -11.82 -29.29 13.31
C ARG D 260 -10.31 -29.13 13.33
N GLY D 261 -9.83 -27.88 13.20
CA GLY D 261 -8.40 -27.61 13.20
C GLY D 261 -7.75 -27.93 14.54
N ILE D 262 -8.47 -27.64 15.63
CA ILE D 262 -7.97 -27.89 16.97
C ILE D 262 -7.78 -29.41 17.16
N ALA D 263 -8.81 -30.19 16.86
CA ALA D 263 -8.74 -31.64 17.00
C ALA D 263 -7.55 -32.19 16.21
N GLY D 264 -7.42 -31.76 14.95
CA GLY D 264 -6.29 -32.15 14.11
C GLY D 264 -4.95 -31.73 14.71
N MET D 265 -4.93 -30.52 15.27
CA MET D 265 -3.71 -29.97 15.84
C MET D 265 -3.34 -30.72 17.12
N ARG D 266 -4.36 -31.14 17.89
CA ARG D 266 -4.16 -31.88 19.13
C ARG D 266 -3.52 -33.24 18.81
N LYS D 267 -4.12 -33.96 17.86
CA LYS D 267 -3.60 -35.25 17.42
C LYS D 267 -2.14 -35.13 17.02
N ALA D 268 -1.79 -34.06 16.30
CA ALA D 268 -0.42 -33.86 15.85
C ALA D 268 0.51 -33.67 17.05
N LEU D 269 0.06 -32.89 18.05
CA LEU D 269 0.90 -32.57 19.19
C LEU D 269 1.10 -33.81 20.07
N GLU D 270 0.07 -34.65 20.20
CA GLU D 270 0.19 -35.98 20.79
C GLU D 270 1.37 -36.74 20.17
N LYS D 271 1.46 -36.72 18.83
CA LYS D 271 2.44 -37.52 18.10
C LYS D 271 3.79 -36.82 18.06
N GLY D 272 3.90 -35.65 18.71
CA GLY D 272 5.17 -34.95 18.84
C GLY D 272 5.51 -34.07 17.64
N VAL D 273 4.50 -33.80 16.78
CA VAL D 273 4.64 -32.88 15.66
C VAL D 273 4.55 -31.45 16.20
N VAL D 274 5.48 -30.59 15.78
CA VAL D 274 5.44 -29.19 16.14
C VAL D 274 4.44 -28.47 15.23
N VAL D 275 3.39 -27.91 15.86
CA VAL D 275 2.37 -27.13 15.16
C VAL D 275 2.72 -25.66 15.30
N MET D 276 2.77 -24.95 14.14
CA MET D 276 3.13 -23.54 14.11
C MET D 276 1.97 -22.74 13.52
N ARG D 277 1.39 -21.83 14.31
CA ARG D 277 0.24 -21.06 13.84
C ARG D 277 0.72 -19.78 13.15
N SER D 278 0.43 -19.70 11.84
CA SER D 278 0.70 -18.52 11.02
C SER D 278 -0.63 -17.98 10.52
N THR D 279 -0.59 -17.09 9.50
CA THR D 279 -1.79 -16.45 9.00
C THR D 279 -1.87 -16.56 7.48
N ARG D 280 -3.08 -16.76 6.96
CA ARG D 280 -3.31 -16.73 5.53
C ARG D 280 -3.45 -15.29 5.04
N THR D 281 -3.49 -14.31 5.97
CA THR D 281 -3.88 -12.95 5.67
C THR D 281 -2.84 -12.26 4.79
N GLY D 282 -1.57 -12.55 5.09
CA GLY D 282 -0.47 -12.14 4.23
C GLY D 282 0.49 -11.18 4.92
N ASN D 283 0.09 -10.67 6.09
CA ASN D 283 0.89 -9.72 6.87
C ASN D 283 0.55 -9.82 8.35
N GLY D 284 1.49 -9.37 9.19
CA GLY D 284 1.18 -9.01 10.57
C GLY D 284 1.57 -10.09 11.58
N ILE D 285 1.21 -9.82 12.84
CA ILE D 285 1.62 -10.62 13.98
C ILE D 285 0.53 -11.64 14.25
N VAL D 286 0.92 -12.90 14.43
CA VAL D 286 0.10 -13.86 15.14
C VAL D 286 0.54 -13.84 16.60
N PRO D 287 -0.32 -13.41 17.54
CA PRO D 287 0.08 -13.27 18.95
C PRO D 287 0.06 -14.58 19.75
N PRO D 288 0.86 -14.68 20.83
CA PRO D 288 0.78 -15.83 21.73
C PRO D 288 -0.65 -15.98 22.24
N ASP D 289 -1.10 -17.22 22.43
CA ASP D 289 -2.43 -17.50 22.96
C ASP D 289 -2.43 -18.91 23.56
N GLU D 290 -2.23 -18.98 24.88
CA GLU D 290 -2.04 -20.24 25.59
C GLU D 290 -3.31 -21.10 25.56
N GLU D 291 -4.45 -20.52 25.16
CA GLU D 291 -5.68 -21.29 25.02
C GLU D 291 -5.74 -22.02 23.68
N LEU D 292 -4.85 -21.67 22.74
CA LEU D 292 -4.85 -22.30 21.43
C LEU D 292 -3.68 -23.27 21.34
N PRO D 293 -3.84 -24.41 20.64
CA PRO D 293 -2.75 -25.36 20.44
C PRO D 293 -1.63 -24.79 19.58
N GLY D 294 -0.39 -25.16 19.93
CA GLY D 294 0.76 -24.96 19.07
C GLY D 294 1.49 -23.66 19.37
N LEU D 295 2.49 -23.39 18.53
CA LEU D 295 3.26 -22.16 18.60
C LEU D 295 2.61 -21.13 17.69
N VAL D 296 3.19 -19.92 17.65
CA VAL D 296 2.72 -18.82 16.82
C VAL D 296 3.90 -18.24 16.04
N SER D 297 3.60 -17.72 14.86
CA SER D 297 4.60 -17.51 13.83
C SER D 297 5.17 -16.09 13.87
N ASP D 298 4.76 -15.29 14.85
CA ASP D 298 5.19 -13.91 14.92
C ASP D 298 4.76 -13.25 13.60
N SER D 299 5.70 -12.68 12.84
CA SER D 299 5.34 -11.95 11.63
C SER D 299 5.82 -12.71 10.39
N LEU D 300 6.06 -14.02 10.54
CA LEU D 300 6.50 -14.85 9.44
C LEU D 300 5.26 -15.43 8.79
N ASN D 301 5.16 -15.24 7.47
CA ASN D 301 4.07 -15.82 6.70
C ASN D 301 4.33 -17.33 6.59
N PRO D 302 3.33 -18.12 6.14
CA PRO D 302 3.48 -19.59 6.05
C PRO D 302 4.72 -20.12 5.36
N ALA D 303 5.09 -19.50 4.23
CA ALA D 303 6.25 -19.90 3.45
C ALA D 303 7.54 -19.70 4.27
N HIS D 304 7.65 -18.53 4.92
CA HIS D 304 8.81 -18.20 5.74
C HIS D 304 8.82 -19.06 7.00
N ALA D 305 7.63 -19.29 7.58
CA ALA D 305 7.50 -20.04 8.83
C ALA D 305 7.95 -21.48 8.65
N ARG D 306 7.55 -22.10 7.53
CA ARG D 306 7.95 -23.46 7.21
C ARG D 306 9.47 -23.57 7.14
N ILE D 307 10.12 -22.65 6.44
CA ILE D 307 11.57 -22.65 6.26
C ILE D 307 12.26 -22.66 7.62
N LEU D 308 11.84 -21.76 8.51
CA LEU D 308 12.47 -21.63 9.82
C LEU D 308 12.17 -22.87 10.65
N LEU D 309 10.93 -23.38 10.55
CA LEU D 309 10.52 -24.53 11.34
C LEU D 309 11.34 -25.74 10.90
N MET D 310 11.62 -25.85 9.60
CA MET D 310 12.54 -26.86 9.08
C MET D 310 13.90 -26.74 9.80
N LEU D 311 14.55 -25.58 9.67
CA LEU D 311 15.89 -25.39 10.23
C LEU D 311 15.84 -25.54 11.75
N ALA D 312 14.75 -25.04 12.36
CA ALA D 312 14.54 -25.18 13.80
C ALA D 312 14.60 -26.65 14.22
N LEU D 313 14.01 -27.55 13.42
CA LEU D 313 13.85 -28.94 13.81
C LEU D 313 15.14 -29.73 13.58
N THR D 314 16.16 -29.09 13.00
CA THR D 314 17.46 -29.73 12.87
C THR D 314 18.33 -29.51 14.10
N ARG D 315 17.85 -28.74 15.08
CA ARG D 315 18.63 -28.40 16.26
C ARG D 315 17.88 -28.78 17.54
N THR D 316 16.55 -28.95 17.44
CA THR D 316 15.73 -29.12 18.62
C THR D 316 14.29 -29.38 18.20
N SER D 317 13.53 -30.01 19.10
CA SER D 317 12.09 -30.13 18.97
C SER D 317 11.41 -29.71 20.27
N ASP D 318 12.11 -28.84 21.03
CA ASP D 318 11.54 -28.20 22.21
C ASP D 318 10.69 -27.01 21.75
N PRO D 319 9.35 -27.02 21.95
CA PRO D 319 8.51 -25.89 21.55
C PRO D 319 9.06 -24.52 21.95
N LYS D 320 9.42 -24.37 23.23
CA LYS D 320 9.87 -23.10 23.78
C LYS D 320 11.04 -22.54 22.98
N VAL D 321 12.03 -23.39 22.68
CA VAL D 321 13.22 -22.95 21.96
C VAL D 321 12.81 -22.53 20.55
N ILE D 322 11.93 -23.33 19.92
CA ILE D 322 11.47 -23.03 18.57
C ILE D 322 10.69 -21.72 18.57
N GLN D 323 9.83 -21.54 19.58
CA GLN D 323 9.04 -20.32 19.69
C GLN D 323 9.95 -19.10 19.79
N GLU D 324 11.07 -19.23 20.52
CA GLU D 324 12.03 -18.14 20.66
C GLU D 324 12.74 -17.85 19.35
N TYR D 325 13.06 -18.93 18.62
CA TYR D 325 13.58 -18.79 17.27
C TYR D 325 12.66 -17.87 16.46
N PHE D 326 11.34 -18.12 16.53
CA PHE D 326 10.36 -17.43 15.71
C PHE D 326 10.26 -15.94 16.08
N HIS D 327 10.54 -15.61 17.35
CA HIS D 327 10.52 -14.23 17.80
C HIS D 327 11.83 -13.50 17.49
N THR D 328 12.91 -14.23 17.15
CA THR D 328 14.22 -13.61 17.05
C THR D 328 14.83 -13.70 15.65
N TYR D 329 14.25 -14.52 14.75
CA TYR D 329 14.80 -14.72 13.42
C TYR D 329 13.89 -14.14 12.34
#